data_5X2G
#
_entry.id   5X2G
#
_cell.length_a   104.345
_cell.length_b   105.094
_cell.length_c   136.521
_cell.angle_alpha   90.00
_cell.angle_beta   90.00
_cell.angle_gamma   90.00
#
_symmetry.space_group_name_H-M   'P 21 21 21'
#
loop_
_entity.id
_entity.type
_entity.pdbx_description
1 polymer 'CRISPR-associated endonuclease Cas9'
2 polymer sgRNA
3 polymer 'Target DNA strand'
4 polymer 'Non-target DNA strand'
5 non-polymer 1,2-ETHANEDIOL
6 water water
#
loop_
_entity_poly.entity_id
_entity_poly.type
_entity_poly.pdbx_seq_one_letter_code
_entity_poly.pdbx_strand_id
1 'polypeptide(L)'
;SSGSGHMARILAFDIGISSIGWAFSENDELKDCGVRIFTKVENPKTGESLALPRRLARSARKRLARRKARLNHLKHLIAN
EFKLNYEDYQSFDESLAKAYKGSLISPYELRFRALNELLSKQDFARVILHIAKRRGYDDIKNSDDKEKGAILKAIKQNEE
KLANYQSVGEYLYKEYFQKFKENSKEFTNVRNKKESYERCIAQSFLKDELKLIFKKQREFGFSFSKKFEEEVLSVAFYKR
ALKDFSHLVGNCSFFTDEKRAPKNSPLAFMFVALTRIINLLNNLKNTEGILYTKDDLNALLNEVLKNGTLTYKQTKKLLG
LSDDYEFKGEKGTYFIEFKKYKEFIKALGEHNLSQDDLNEIAKDITLIKDEIKLKKALAKYDLNQNQIDSLSKLEFKDHL
NISFKALKLVTPLMLEGKKYDEACNELNLKVAINEDKKDFLPAFNETYYKDEVTNPVVLRAIKEYRKVLNALLKKYGKVH
KINIELGGGSGGYIARLVLNYTKDYLDFLPLSDDENTKLNDTQKGSKVHVEAKSGMLTSALRHTWGFSAKDRNNHLHHAI
DAVIIAYANNSIVKAFSDFKKEQESNSAELYAKKISELDYKNKRKFFEPFSGFRQKVLDKIDEIFVSKPERKKPSGALHE
ETFRKEEEFYQSYGGKEGVLKALELGKIRKVNGKIVKNGDMFRVDIFKHKKTNKFYAVPIYTMDFALKVLPNKAVARSKK
GEIKDWILMDENYEFCFSLYKDSLILIQTKDMQEPEFVYYNAFTSSTVSLIVSKHDNKFETLSKNQKILFKNANEKEVIA
KSIGIQNLKVFEKYIVSALGEVTKAEFRQREDFKK
;
A
2 'polyribonucleotide'
;GGAAAUUAGGUGCGCUUGGCGUUUUAGUCCCUGAAAAGGGACUAAAAUAAAGAGUUUGCGGGACUCUGCGGGGUUACAAU
CCCCUAAAACCGC
;
B
3 'polydeoxyribonucleotide'
;(DC)(DG)(DG)(DT)(DT)(DT)(DC)(DT)(DG)(DC)(DC)(DA)(DA)(DG)(DC)(DG)(DC)(DA)(DC)(DC)
(DT)(DA)(DA)(DT)(DT)(DT)(DC)(DC)
;
C
4 'polydeoxyribonucleotide' (DA)(DG)(DA)(DA)(DA)(DC)(DC)(DG) D
#
loop_
_chem_comp.id
_chem_comp.type
_chem_comp.name
_chem_comp.formula
A RNA linking ADENOSINE-5'-MONOPHOSPHATE 'C10 H14 N5 O7 P'
C RNA linking CYTIDINE-5'-MONOPHOSPHATE 'C9 H14 N3 O8 P'
DA DNA linking 2'-DEOXYADENOSINE-5'-MONOPHOSPHATE 'C10 H14 N5 O6 P'
DC DNA linking 2'-DEOXYCYTIDINE-5'-MONOPHOSPHATE 'C9 H14 N3 O7 P'
DG DNA linking 2'-DEOXYGUANOSINE-5'-MONOPHOSPHATE 'C10 H14 N5 O7 P'
DT DNA linking THYMIDINE-5'-MONOPHOSPHATE 'C10 H15 N2 O8 P'
EDO non-polymer 1,2-ETHANEDIOL 'C2 H6 O2'
G RNA linking GUANOSINE-5'-MONOPHOSPHATE 'C10 H14 N5 O8 P'
U RNA linking URIDINE-5'-MONOPHOSPHATE 'C9 H13 N2 O9 P'
#
# COMPACT_ATOMS: atom_id res chain seq x y z
N MET A 7 -44.38 11.97 -5.30
CA MET A 7 -42.95 11.95 -5.04
C MET A 7 -42.57 10.74 -4.19
N ALA A 8 -42.13 9.68 -4.85
CA ALA A 8 -41.59 8.48 -4.20
C ALA A 8 -40.19 8.26 -4.73
N ARG A 9 -39.29 9.18 -4.37
CA ARG A 9 -37.98 9.29 -5.00
C ARG A 9 -36.99 8.33 -4.34
N ILE A 10 -36.46 7.39 -5.12
CA ILE A 10 -35.55 6.37 -4.62
C ILE A 10 -34.29 6.38 -5.49
N LEU A 11 -33.13 6.33 -4.84
CA LEU A 11 -31.85 6.12 -5.49
C LEU A 11 -31.29 4.77 -5.05
N ALA A 12 -30.80 3.99 -6.00
CA ALA A 12 -30.26 2.67 -5.71
C ALA A 12 -28.86 2.56 -6.27
N PHE A 13 -27.97 1.89 -5.53
CA PHE A 13 -26.57 1.78 -5.91
C PHE A 13 -26.10 0.34 -5.74
N ASP A 14 -25.45 -0.18 -6.78
CA ASP A 14 -24.73 -1.44 -6.73
C ASP A 14 -23.24 -1.11 -6.73
N ILE A 15 -22.61 -1.25 -5.56
CA ILE A 15 -21.22 -0.83 -5.36
C ILE A 15 -20.33 -2.05 -5.52
N GLY A 16 -19.57 -2.09 -6.62
CA GLY A 16 -18.59 -3.12 -6.85
C GLY A 16 -17.18 -2.62 -6.55
N ILE A 17 -16.21 -3.51 -6.80
CA ILE A 17 -14.82 -3.14 -6.60
C ILE A 17 -14.27 -2.32 -7.75
N SER A 18 -14.99 -2.27 -8.88
CA SER A 18 -14.55 -1.49 -10.02
C SER A 18 -15.68 -0.74 -10.71
N SER A 19 -16.92 -0.84 -10.23
CA SER A 19 -18.07 -0.27 -10.92
C SER A 19 -19.06 0.29 -9.90
N ILE A 20 -19.81 1.29 -10.35
CA ILE A 20 -20.92 1.87 -9.58
C ILE A 20 -22.13 1.88 -10.50
N GLY A 21 -23.06 0.95 -10.29
CA GLY A 21 -24.31 0.95 -11.00
C GLY A 21 -25.37 1.67 -10.19
N TRP A 22 -26.09 2.58 -10.82
CA TRP A 22 -27.07 3.40 -10.13
C TRP A 22 -28.39 3.42 -10.90
N ALA A 23 -29.45 3.77 -10.18
CA ALA A 23 -30.79 3.88 -10.75
C ALA A 23 -31.57 4.93 -9.97
N PHE A 24 -32.56 5.53 -10.64
CA PHE A 24 -33.38 6.57 -10.04
C PHE A 24 -34.83 6.32 -10.42
N SER A 25 -35.70 6.17 -9.43
CA SER A 25 -37.12 5.96 -9.64
C SER A 25 -37.91 6.98 -8.85
N GLU A 26 -38.90 7.59 -9.48
CA GLU A 26 -39.80 8.53 -8.83
C GLU A 26 -41.22 8.11 -9.12
N ASN A 27 -42.05 8.06 -8.06
CA ASN A 27 -43.43 7.58 -8.15
C ASN A 27 -43.48 6.18 -8.75
N ASP A 28 -42.54 5.33 -8.35
CA ASP A 28 -42.43 3.95 -8.81
C ASP A 28 -42.25 3.87 -10.33
N GLU A 29 -41.59 4.86 -10.91
CA GLU A 29 -41.29 4.89 -12.34
C GLU A 29 -39.81 5.16 -12.52
N LEU A 30 -39.15 4.31 -13.31
CA LEU A 30 -37.72 4.47 -13.54
C LEU A 30 -37.45 5.73 -14.36
N LYS A 31 -36.55 6.57 -13.87
CA LYS A 31 -36.26 7.87 -14.48
C LYS A 31 -34.92 7.90 -15.19
N ASP A 32 -33.85 7.43 -14.54
CA ASP A 32 -32.51 7.48 -15.12
C ASP A 32 -31.76 6.20 -14.77
N CYS A 33 -30.64 6.00 -15.45
CA CYS A 33 -29.86 4.77 -15.35
C CYS A 33 -28.44 5.08 -15.76
N GLY A 34 -27.50 4.30 -15.25
CA GLY A 34 -26.11 4.50 -15.64
C GLY A 34 -25.18 3.54 -14.92
N VAL A 35 -24.00 3.38 -15.51
CA VAL A 35 -22.91 2.59 -14.94
C VAL A 35 -21.65 3.43 -14.95
N ARG A 36 -20.89 3.37 -13.86
CA ARG A 36 -19.64 4.12 -13.72
C ARG A 36 -18.52 3.11 -13.49
N ILE A 37 -17.70 2.89 -14.52
CA ILE A 37 -16.55 1.99 -14.44
C ILE A 37 -15.33 2.84 -14.15
N PHE A 38 -14.75 2.69 -12.97
CA PHE A 38 -13.61 3.53 -12.58
C PHE A 38 -12.28 2.79 -12.54
N THR A 39 -12.26 1.49 -12.83
CA THR A 39 -10.99 0.78 -13.02
C THR A 39 -11.27 -0.55 -13.70
N LYS A 40 -10.20 -1.23 -14.09
CA LYS A 40 -10.30 -2.53 -14.75
C LYS A 40 -9.53 -3.60 -13.98
N GLY A 47 -5.17 -6.33 -9.30
CA GLY A 47 -5.04 -4.95 -8.88
C GLY A 47 -5.79 -4.63 -7.60
N GLU A 48 -5.41 -5.30 -6.51
CA GLU A 48 -6.04 -5.11 -5.20
C GLU A 48 -5.05 -4.58 -4.16
N SER A 49 -3.91 -4.03 -4.60
CA SER A 49 -2.94 -3.40 -3.70
C SER A 49 -2.32 -2.24 -4.47
N LEU A 50 -2.89 -1.05 -4.28
CA LEU A 50 -2.47 0.12 -5.06
C LEU A 50 -1.17 0.71 -4.54
N ALA A 51 -1.03 0.83 -3.22
CA ALA A 51 0.14 1.44 -2.64
C ALA A 51 1.34 0.49 -2.53
N LEU A 52 1.11 -0.81 -2.72
CA LEU A 52 2.18 -1.79 -2.52
C LEU A 52 3.42 -1.53 -3.39
N PRO A 53 3.31 -1.35 -4.71
CA PRO A 53 4.54 -1.12 -5.49
C PRO A 53 5.27 0.14 -5.06
N ARG A 54 4.53 1.19 -4.69
CA ARG A 54 5.16 2.41 -4.21
C ARG A 54 5.92 2.17 -2.91
N ARG A 55 5.33 1.38 -2.00
CA ARG A 55 5.99 1.11 -0.73
C ARG A 55 7.25 0.29 -0.91
N LEU A 56 7.21 -0.73 -1.77
CA LEU A 56 8.39 -1.57 -1.99
C LEU A 56 9.54 -0.75 -2.55
N ALA A 57 9.28 0.09 -3.56
CA ALA A 57 10.34 0.91 -4.12
C ALA A 57 10.84 1.92 -3.09
N ARG A 58 9.95 2.44 -2.25
CA ARG A 58 10.36 3.38 -1.20
C ARG A 58 11.23 2.69 -0.16
N SER A 59 10.80 1.52 0.33
CA SER A 59 11.61 0.77 1.28
C SER A 59 12.96 0.41 0.69
N ALA A 60 13.00 0.07 -0.59
CA ALA A 60 14.27 -0.31 -1.23
C ALA A 60 15.17 0.90 -1.42
N ARG A 61 14.60 2.05 -1.80
CA ARG A 61 15.40 3.27 -1.91
C ARG A 61 16.10 3.58 -0.60
N LYS A 62 15.35 3.60 0.50
CA LYS A 62 15.91 4.03 1.78
C LYS A 62 16.94 3.04 2.29
N ARG A 63 16.66 1.73 2.15
CA ARG A 63 17.60 0.72 2.62
C ARG A 63 18.96 0.87 1.96
N LEU A 64 18.98 1.12 0.65
CA LEU A 64 20.24 1.26 -0.07
C LEU A 64 20.88 2.63 0.17
N ALA A 65 20.08 3.68 0.33
CA ALA A 65 20.64 4.98 0.67
C ALA A 65 21.32 4.93 2.03
N ARG A 66 20.73 4.20 2.98
CA ARG A 66 21.35 4.07 4.30
C ARG A 66 22.57 3.17 4.25
N ARG A 67 22.54 2.12 3.41
CA ARG A 67 23.73 1.29 3.25
C ARG A 67 24.90 2.10 2.68
N LYS A 68 24.62 2.97 1.70
CA LYS A 68 25.67 3.79 1.12
C LYS A 68 26.28 4.73 2.15
N ALA A 69 25.43 5.40 2.96
CA ALA A 69 25.95 6.30 3.97
C ALA A 69 26.72 5.54 5.04
N ARG A 70 26.20 4.38 5.46
CA ARG A 70 26.91 3.55 6.44
C ARG A 70 28.27 3.14 5.92
N LEU A 71 28.35 2.74 4.64
CA LEU A 71 29.65 2.40 4.06
C LEU A 71 30.52 3.64 3.87
N ASN A 72 29.91 4.76 3.50
CA ASN A 72 30.65 6.02 3.44
C ASN A 72 31.22 6.38 4.81
N HIS A 73 30.44 6.13 5.86
CA HIS A 73 30.91 6.40 7.23
C HIS A 73 32.14 5.56 7.55
N LEU A 74 32.10 4.27 7.22
CA LEU A 74 33.23 3.39 7.50
C LEU A 74 34.44 3.74 6.64
N LYS A 75 34.21 4.17 5.39
CA LYS A 75 35.33 4.63 4.56
C LYS A 75 35.98 5.87 5.15
N HIS A 76 35.20 6.74 5.80
CA HIS A 76 35.79 7.88 6.51
C HIS A 76 36.60 7.43 7.71
N LEU A 77 36.07 6.46 8.47
CA LEU A 77 36.77 6.00 9.67
C LEU A 77 38.12 5.37 9.32
N ILE A 78 38.18 4.58 8.26
CA ILE A 78 39.45 3.94 7.92
C ILE A 78 40.39 4.94 7.24
N ALA A 79 39.84 5.93 6.53
CA ALA A 79 40.69 6.93 5.89
C ALA A 79 41.38 7.83 6.92
N ASN A 80 40.73 8.06 8.06
CA ASN A 80 41.35 8.86 9.11
C ASN A 80 42.28 8.00 9.96
N GLU A 81 41.85 6.79 10.33
CA GLU A 81 42.65 5.94 11.20
C GLU A 81 43.89 5.41 10.47
N PHE A 82 43.70 4.82 9.30
CA PHE A 82 44.81 4.22 8.56
C PHE A 82 45.57 5.23 7.71
N LYS A 83 45.18 6.50 7.74
CA LYS A 83 45.82 7.54 6.93
C LYS A 83 45.81 7.17 5.44
N LEU A 84 44.65 6.73 4.98
CA LEU A 84 44.42 6.40 3.58
C LEU A 84 43.55 7.46 2.93
N ASN A 85 43.48 7.41 1.60
CA ASN A 85 42.70 8.39 0.84
C ASN A 85 41.26 7.93 0.72
N TYR A 86 40.33 8.86 0.98
CA TYR A 86 38.90 8.51 0.95
C TYR A 86 38.42 8.27 -0.48
N GLU A 87 38.88 9.09 -1.43
CA GLU A 87 38.45 8.93 -2.82
C GLU A 87 38.96 7.63 -3.44
N ASP A 88 39.99 7.01 -2.85
CA ASP A 88 40.46 5.72 -3.34
C ASP A 88 39.43 4.62 -3.12
N TYR A 89 38.45 4.84 -2.25
CA TYR A 89 37.38 3.89 -1.99
C TYR A 89 36.06 4.29 -2.65
N GLN A 90 36.11 5.25 -3.57
CA GLN A 90 34.96 5.67 -4.35
C GLN A 90 35.28 5.52 -5.83
N SER A 91 34.23 5.34 -6.64
CA SER A 91 34.41 5.18 -8.07
C SER A 91 34.72 6.51 -8.74
N PHE A 92 35.50 6.44 -9.82
CA PHE A 92 35.88 7.61 -10.61
C PHE A 92 35.44 7.38 -12.04
N ASP A 93 34.38 8.08 -12.45
CA ASP A 93 33.84 8.01 -13.81
C ASP A 93 33.37 6.59 -14.15
N GLU A 94 32.51 6.06 -13.28
CA GLU A 94 31.92 4.72 -13.43
C GLU A 94 32.98 3.62 -13.53
N SER A 95 34.20 3.91 -13.12
CA SER A 95 35.29 2.95 -13.12
C SER A 95 35.54 2.44 -11.71
N LEU A 96 36.13 1.24 -11.63
CA LEU A 96 36.40 0.63 -10.33
C LEU A 96 37.28 1.54 -9.47
N ALA A 97 36.98 1.58 -8.18
CA ALA A 97 37.71 2.44 -7.25
C ALA A 97 39.19 2.02 -7.21
N LYS A 98 40.05 3.01 -6.95
CA LYS A 98 41.50 2.80 -7.05
C LYS A 98 41.99 1.77 -6.05
N ALA A 99 41.39 1.70 -4.86
CA ALA A 99 41.87 0.76 -3.85
C ALA A 99 41.61 -0.69 -4.21
N TYR A 100 40.75 -0.95 -5.20
CA TYR A 100 40.40 -2.31 -5.60
C TYR A 100 40.95 -2.69 -6.97
N LYS A 101 41.89 -1.93 -7.52
CA LYS A 101 42.40 -2.20 -8.84
C LYS A 101 43.59 -3.16 -8.78
N GLY A 102 43.95 -3.70 -9.95
CA GLY A 102 45.03 -4.66 -10.04
C GLY A 102 44.59 -6.04 -9.63
N SER A 103 45.56 -6.96 -9.64
CA SER A 103 45.31 -8.32 -9.20
C SER A 103 44.95 -8.33 -7.72
N LEU A 104 43.74 -8.77 -7.41
CA LEU A 104 43.16 -8.61 -6.09
C LEU A 104 43.06 -9.95 -5.38
N ILE A 105 43.42 -9.96 -4.10
CA ILE A 105 43.13 -11.09 -3.23
C ILE A 105 41.71 -10.94 -2.70
N SER A 106 40.96 -12.03 -2.67
CA SER A 106 39.56 -11.95 -2.27
C SER A 106 39.46 -11.67 -0.77
N PRO A 107 38.38 -11.00 -0.35
CA PRO A 107 38.21 -10.75 1.09
C PRO A 107 38.07 -12.03 1.90
N TYR A 108 37.54 -13.10 1.31
CA TYR A 108 37.43 -14.36 2.03
C TYR A 108 38.80 -14.91 2.39
N GLU A 109 39.78 -14.75 1.50
CA GLU A 109 41.14 -15.14 1.84
C GLU A 109 41.74 -14.21 2.88
N LEU A 110 41.44 -12.91 2.78
CA LEU A 110 41.94 -11.95 3.76
C LEU A 110 41.35 -12.23 5.14
N ARG A 111 40.04 -12.48 5.21
CA ARG A 111 39.40 -12.77 6.48
C ARG A 111 39.94 -14.05 7.11
N PHE A 112 40.52 -14.95 6.31
CA PHE A 112 41.14 -16.15 6.86
C PHE A 112 42.56 -15.87 7.34
N ARG A 113 43.30 -15.02 6.63
CA ARG A 113 44.63 -14.62 7.09
C ARG A 113 44.57 -13.89 8.42
N ALA A 114 43.50 -13.12 8.66
CA ALA A 114 43.40 -12.30 9.86
C ALA A 114 43.47 -13.12 11.14
N LEU A 115 43.23 -14.42 11.07
CA LEU A 115 43.27 -15.29 12.23
C LEU A 115 44.64 -15.90 12.47
N ASN A 116 45.61 -15.61 11.61
CA ASN A 116 46.90 -16.30 11.67
C ASN A 116 48.08 -15.35 11.59
N GLU A 117 47.95 -14.27 10.81
CA GLU A 117 49.05 -13.35 10.61
C GLU A 117 48.53 -11.92 10.57
N LEU A 118 49.46 -10.97 10.61
CA LEU A 118 49.13 -9.56 10.59
C LEU A 118 48.74 -9.11 9.19
N LEU A 119 47.64 -8.38 9.08
CA LEU A 119 47.21 -7.81 7.82
C LEU A 119 47.76 -6.39 7.66
N SER A 120 48.07 -6.03 6.42
CA SER A 120 48.32 -4.64 6.11
C SER A 120 47.02 -3.85 6.24
N LYS A 121 47.14 -2.54 6.51
CA LYS A 121 45.95 -1.73 6.69
C LYS A 121 45.12 -1.60 5.42
N GLN A 122 45.73 -1.77 4.24
CA GLN A 122 44.95 -1.85 3.01
C GLN A 122 44.06 -3.08 3.02
N ASP A 123 44.60 -4.22 3.45
CA ASP A 123 43.82 -5.45 3.50
C ASP A 123 42.75 -5.38 4.58
N PHE A 124 43.08 -4.78 5.73
CA PHE A 124 42.11 -4.68 6.82
C PHE A 124 40.92 -3.83 6.42
N ALA A 125 41.16 -2.76 5.65
CA ALA A 125 40.06 -1.89 5.21
C ALA A 125 39.08 -2.66 4.36
N ARG A 126 39.58 -3.46 3.41
CA ARG A 126 38.69 -4.23 2.56
C ARG A 126 38.00 -5.36 3.34
N VAL A 127 38.61 -5.82 4.43
CA VAL A 127 37.94 -6.80 5.29
C VAL A 127 36.75 -6.15 5.99
N ILE A 128 36.93 -4.94 6.50
CA ILE A 128 35.85 -4.25 7.20
C ILE A 128 34.71 -3.92 6.24
N LEU A 129 35.05 -3.42 5.06
CA LEU A 129 34.01 -3.02 4.10
C LEU A 129 33.28 -4.23 3.51
N HIS A 130 33.96 -5.38 3.41
CA HIS A 130 33.30 -6.57 2.90
C HIS A 130 32.27 -7.10 3.88
N ILE A 131 32.64 -7.19 5.16
CA ILE A 131 31.72 -7.66 6.19
C ILE A 131 30.57 -6.68 6.37
N ALA A 132 30.83 -5.38 6.22
CA ALA A 132 29.81 -4.39 6.48
C ALA A 132 28.80 -4.27 5.33
N LYS A 133 29.22 -4.51 4.09
CA LYS A 133 28.30 -4.35 2.97
C LYS A 133 27.18 -5.38 3.02
N ARG A 134 27.50 -6.60 3.42
CA ARG A 134 26.52 -7.67 3.60
C ARG A 134 26.74 -8.22 5.00
N ARG A 135 26.03 -7.65 5.98
CA ARG A 135 26.27 -7.94 7.39
C ARG A 135 25.37 -9.05 7.94
N GLY A 136 24.48 -9.61 7.13
CA GLY A 136 23.73 -10.78 7.52
C GLY A 136 22.39 -10.45 8.15
N TYR A 137 21.55 -11.49 8.25
CA TYR A 137 20.20 -11.33 8.78
C TYR A 137 20.25 -11.10 10.29
N ASP A 138 19.46 -10.13 10.75
CA ASP A 138 19.42 -9.77 12.17
C ASP A 138 18.35 -10.64 12.84
N ASP A 139 18.78 -11.77 13.39
CA ASP A 139 17.88 -12.73 14.02
C ASP A 139 17.53 -12.23 15.42
N ILE A 140 16.56 -11.31 15.46
CA ILE A 140 16.20 -10.68 16.73
C ILE A 140 15.37 -11.63 17.61
N LYS A 141 14.60 -12.52 17.00
CA LYS A 141 13.75 -13.42 17.79
C LYS A 141 14.56 -14.53 18.43
N ASN A 142 15.47 -15.15 17.65
CA ASN A 142 16.32 -16.25 18.12
C ASN A 142 15.48 -17.40 18.68
N LYS A 146 4.78 -21.63 14.35
CA LYS A 146 6.08 -20.97 14.19
C LYS A 146 6.91 -21.67 13.12
N GLU A 147 6.28 -21.94 11.97
CA GLU A 147 6.94 -22.63 10.87
C GLU A 147 8.03 -21.73 10.28
N LYS A 148 9.26 -22.23 10.25
CA LYS A 148 10.40 -21.44 9.81
C LYS A 148 10.48 -21.43 8.29
N GLY A 149 10.71 -20.24 7.73
CA GLY A 149 10.82 -20.07 6.29
C GLY A 149 12.18 -20.44 5.76
N ALA A 150 12.41 -20.08 4.50
CA ALA A 150 13.64 -20.46 3.82
C ALA A 150 14.87 -19.85 4.49
N ILE A 151 14.81 -18.56 4.83
CA ILE A 151 15.98 -17.90 5.41
C ILE A 151 16.21 -18.36 6.84
N LEU A 152 15.14 -18.58 7.60
CA LEU A 152 15.30 -19.04 8.98
C LEU A 152 15.91 -20.45 9.03
N LYS A 153 15.54 -21.31 8.07
CA LYS A 153 16.12 -22.65 8.05
C LYS A 153 17.58 -22.61 7.62
N ALA A 154 17.96 -21.65 6.79
CA ALA A 154 19.34 -21.58 6.32
C ALA A 154 20.29 -21.10 7.41
N ILE A 155 19.90 -20.05 8.15
CA ILE A 155 20.78 -19.53 9.19
C ILE A 155 21.00 -20.56 10.29
N LYS A 156 20.00 -21.41 10.54
CA LYS A 156 20.18 -22.49 11.51
C LYS A 156 21.08 -23.58 10.96
N GLN A 157 20.93 -23.92 9.69
CA GLN A 157 21.79 -24.93 9.07
C GLN A 157 23.22 -24.45 8.98
N ASN A 158 23.42 -23.16 8.68
CA ASN A 158 24.77 -22.61 8.64
C ASN A 158 25.35 -22.39 10.03
N GLU A 159 24.50 -22.17 11.04
CA GLU A 159 24.99 -22.01 12.40
C GLU A 159 25.61 -23.30 12.91
N GLU A 160 25.03 -24.45 12.56
CA GLU A 160 25.56 -25.73 13.03
C GLU A 160 26.93 -26.00 12.43
N LYS A 161 27.06 -25.86 11.10
CA LYS A 161 28.34 -26.08 10.44
C LYS A 161 29.37 -25.01 10.83
N LEU A 162 28.92 -23.89 11.40
CA LEU A 162 29.83 -22.81 11.77
C LEU A 162 30.63 -23.13 13.02
N ALA A 163 30.18 -24.11 13.83
CA ALA A 163 30.86 -24.41 15.08
C ALA A 163 32.24 -25.02 14.87
N ASN A 164 32.51 -25.61 13.71
CA ASN A 164 33.80 -26.22 13.41
C ASN A 164 34.80 -25.23 12.85
N TYR A 165 34.53 -23.93 12.95
CA TYR A 165 35.41 -22.91 12.39
C TYR A 165 35.49 -21.74 13.37
N GLN A 166 36.51 -20.91 13.17
CA GLN A 166 36.72 -19.76 14.05
C GLN A 166 35.82 -18.58 13.69
N SER A 167 35.48 -18.44 12.41
CA SER A 167 34.70 -17.30 11.96
C SER A 167 33.94 -17.67 10.69
N VAL A 168 32.96 -16.82 10.36
CA VAL A 168 32.23 -16.99 9.11
C VAL A 168 33.18 -16.96 7.93
N GLY A 169 34.21 -16.11 7.99
CA GLY A 169 35.14 -15.99 6.88
C GLY A 169 35.88 -17.29 6.60
N GLU A 170 36.44 -17.90 7.64
CA GLU A 170 37.13 -19.18 7.46
C GLU A 170 36.17 -20.24 6.93
N TYR A 171 34.91 -20.18 7.37
CA TYR A 171 33.91 -21.14 6.90
C TYR A 171 33.65 -20.98 5.41
N LEU A 172 33.41 -19.75 4.96
CA LEU A 172 33.15 -19.51 3.55
C LEU A 172 34.39 -19.76 2.71
N TYR A 173 35.56 -19.38 3.22
CA TYR A 173 36.80 -19.52 2.44
C TYR A 173 37.17 -20.98 2.24
N LYS A 174 36.95 -21.82 3.26
CA LYS A 174 37.39 -23.21 3.18
C LYS A 174 36.33 -24.16 2.63
N GLU A 175 35.04 -23.83 2.79
CA GLU A 175 33.99 -24.71 2.30
C GLU A 175 33.53 -24.34 0.90
N TYR A 176 33.56 -23.07 0.53
CA TYR A 176 32.93 -22.67 -0.73
C TYR A 176 33.83 -21.88 -1.65
N PHE A 177 34.68 -21.00 -1.13
CA PHE A 177 35.42 -20.10 -2.00
C PHE A 177 36.35 -20.85 -2.94
N GLN A 178 36.06 -20.77 -4.24
CA GLN A 178 36.87 -21.41 -5.27
C GLN A 178 37.00 -22.91 -5.05
N LYS A 179 36.03 -23.51 -4.35
CA LYS A 179 35.95 -24.94 -4.22
C LYS A 179 35.08 -25.50 -5.34
N PHE A 180 35.44 -26.68 -5.83
CA PHE A 180 34.77 -27.25 -6.97
C PHE A 180 33.58 -28.10 -6.54
N LYS A 181 32.50 -28.02 -7.32
CA LYS A 181 31.35 -28.88 -7.12
C LYS A 181 31.73 -30.33 -7.43
N GLU A 182 30.87 -31.24 -7.00
CA GLU A 182 31.17 -32.67 -7.13
C GLU A 182 31.29 -33.06 -8.60
N ASN A 183 32.47 -33.56 -8.98
CA ASN A 183 32.76 -33.99 -10.35
C ASN A 183 32.56 -32.84 -11.33
N SER A 184 33.13 -31.68 -11.01
CA SER A 184 32.89 -30.48 -11.78
C SER A 184 34.17 -29.66 -11.93
N LYS A 185 34.30 -29.00 -13.09
CA LYS A 185 35.37 -28.04 -13.35
C LYS A 185 35.00 -26.64 -12.92
N GLU A 186 33.81 -26.42 -12.36
CA GLU A 186 33.29 -25.10 -12.06
C GLU A 186 33.30 -24.84 -10.57
N PHE A 187 33.65 -23.61 -10.20
CA PHE A 187 33.61 -23.20 -8.79
C PHE A 187 32.18 -23.21 -8.27
N THR A 188 32.02 -23.63 -7.02
CA THR A 188 30.74 -23.43 -6.36
C THR A 188 30.61 -21.97 -5.93
N ASN A 189 29.43 -21.63 -5.42
CA ASN A 189 29.11 -20.24 -5.10
C ASN A 189 29.33 -19.96 -3.62
N VAL A 190 29.86 -18.77 -3.33
CA VAL A 190 29.93 -18.27 -1.96
C VAL A 190 28.72 -17.42 -1.63
N ARG A 191 28.42 -16.45 -2.49
CA ARG A 191 27.18 -15.70 -2.41
C ARG A 191 26.02 -16.61 -2.77
N ASN A 192 24.81 -16.14 -2.48
CA ASN A 192 23.62 -16.88 -2.89
C ASN A 192 23.38 -16.71 -4.38
N LYS A 193 22.77 -17.72 -4.99
CA LYS A 193 22.47 -17.71 -6.42
C LYS A 193 21.04 -18.14 -6.65
N LYS A 194 20.37 -17.42 -7.54
CA LYS A 194 19.14 -17.87 -8.21
C LYS A 194 18.09 -18.38 -7.21
N GLU A 195 17.47 -17.42 -6.53
CA GLU A 195 16.33 -17.62 -5.65
C GLU A 195 16.61 -18.58 -4.50
N SER A 196 17.88 -18.89 -4.22
CA SER A 196 18.25 -19.71 -3.08
C SER A 196 18.80 -18.82 -1.97
N TYR A 197 18.53 -19.21 -0.72
CA TYR A 197 19.01 -18.49 0.45
C TYR A 197 19.96 -19.34 1.28
N GLU A 198 20.59 -20.33 0.66
CA GLU A 198 21.33 -21.36 1.38
C GLU A 198 22.52 -20.80 2.19
N ARG A 199 23.06 -19.65 1.80
CA ARG A 199 24.25 -19.11 2.43
C ARG A 199 23.95 -18.11 3.54
N CYS A 200 22.69 -17.85 3.84
CA CYS A 200 22.34 -16.82 4.81
C CYS A 200 22.85 -17.18 6.20
N ILE A 201 23.54 -16.22 6.83
CA ILE A 201 24.13 -16.40 8.14
C ILE A 201 23.71 -15.23 9.02
N ALA A 202 23.35 -15.54 10.28
CA ALA A 202 22.86 -14.51 11.19
C ALA A 202 23.89 -13.40 11.38
N GLN A 203 23.39 -12.18 11.55
CA GLN A 203 24.26 -11.01 11.66
C GLN A 203 25.16 -11.08 12.89
N SER A 204 24.70 -11.71 13.97
CA SER A 204 25.50 -11.76 15.19
C SER A 204 26.79 -12.54 15.00
N PHE A 205 26.82 -13.48 14.05
CA PHE A 205 28.04 -14.21 13.79
C PHE A 205 29.06 -13.38 13.01
N LEU A 206 28.58 -12.48 12.14
CA LEU A 206 29.49 -11.61 11.42
C LEU A 206 30.02 -10.49 12.32
N LYS A 207 29.24 -10.08 13.32
CA LYS A 207 29.77 -9.17 14.32
C LYS A 207 30.85 -9.86 15.16
N ASP A 208 30.61 -11.13 15.51
CA ASP A 208 31.62 -11.89 16.25
C ASP A 208 32.91 -12.02 15.45
N GLU A 209 32.80 -12.24 14.13
CA GLU A 209 34.01 -12.38 13.32
C GLU A 209 34.81 -11.08 13.32
N LEU A 210 34.14 -9.94 13.12
CA LEU A 210 34.86 -8.67 13.09
C LEU A 210 35.48 -8.36 14.45
N LYS A 211 34.78 -8.68 15.54
CA LYS A 211 35.38 -8.54 16.85
C LYS A 211 36.54 -9.50 17.04
N LEU A 212 36.39 -10.74 16.55
CA LEU A 212 37.48 -11.70 16.62
C LEU A 212 38.67 -11.26 15.77
N ILE A 213 38.41 -10.66 14.61
CA ILE A 213 39.48 -10.18 13.76
C ILE A 213 40.25 -9.05 14.43
N PHE A 214 39.53 -8.14 15.08
CA PHE A 214 40.18 -7.05 15.81
C PHE A 214 41.07 -7.59 16.92
N LYS A 215 40.55 -8.53 17.72
CA LYS A 215 41.30 -9.10 18.82
C LYS A 215 42.56 -9.81 18.32
N LYS A 216 42.41 -10.68 17.34
CA LYS A 216 43.57 -11.41 16.83
C LYS A 216 44.55 -10.50 16.11
N GLN A 217 44.06 -9.42 15.50
CA GLN A 217 44.96 -8.48 14.84
C GLN A 217 45.75 -7.65 15.84
N ARG A 218 45.18 -7.41 17.03
CA ARG A 218 45.95 -6.75 18.08
C ARG A 218 47.12 -7.60 18.53
N GLU A 219 46.91 -8.91 18.64
CA GLU A 219 47.98 -9.82 19.09
C GLU A 219 49.12 -9.91 18.08
N PHE A 220 48.85 -9.62 16.81
CA PHE A 220 49.88 -9.69 15.77
C PHE A 220 50.61 -8.36 15.58
N GLY A 221 50.33 -7.35 16.39
CA GLY A 221 51.03 -6.10 16.32
C GLY A 221 50.35 -4.98 15.58
N PHE A 222 49.03 -5.05 15.37
CA PHE A 222 48.26 -3.98 14.76
C PHE A 222 47.66 -3.13 15.88
N SER A 223 48.05 -1.86 15.93
CA SER A 223 47.58 -0.94 16.96
C SER A 223 46.54 0.02 16.37
N PHE A 224 45.45 0.21 17.09
CA PHE A 224 44.38 1.12 16.69
C PHE A 224 44.21 2.20 17.74
N SER A 225 43.46 3.24 17.37
CA SER A 225 43.10 4.26 18.34
C SER A 225 42.16 3.69 19.40
N LYS A 226 41.89 4.49 20.42
CA LYS A 226 41.07 4.02 21.54
C LYS A 226 39.64 3.77 21.10
N LYS A 227 39.10 4.61 20.21
CA LYS A 227 37.69 4.57 19.85
C LYS A 227 37.45 4.06 18.43
N PHE A 228 38.49 3.58 17.74
CA PHE A 228 38.31 3.14 16.36
C PHE A 228 37.48 1.87 16.29
N GLU A 229 37.85 0.84 17.06
CA GLU A 229 37.08 -0.39 17.05
C GLU A 229 35.65 -0.16 17.53
N GLU A 230 35.48 0.69 18.55
CA GLU A 230 34.14 0.99 19.04
C GLU A 230 33.28 1.64 17.96
N GLU A 231 33.86 2.57 17.19
CA GLU A 231 33.09 3.26 16.16
C GLU A 231 32.84 2.36 14.96
N VAL A 232 33.84 1.58 14.55
CA VAL A 232 33.66 0.68 13.41
C VAL A 232 32.57 -0.34 13.72
N LEU A 233 32.54 -0.86 14.94
CA LEU A 233 31.54 -1.87 15.29
C LEU A 233 30.15 -1.26 15.35
N SER A 234 29.99 -0.11 16.01
CA SER A 234 28.66 0.47 16.19
C SER A 234 28.09 0.96 14.87
N VAL A 235 28.91 1.61 14.05
CA VAL A 235 28.43 2.14 12.77
C VAL A 235 28.02 1.01 11.84
N ALA A 236 28.88 0.00 11.69
CA ALA A 236 28.63 -1.06 10.71
C ALA A 236 27.39 -1.88 11.05
N PHE A 237 27.01 -1.93 12.33
CA PHE A 237 25.86 -2.73 12.75
C PHE A 237 24.72 -1.88 13.32
N TYR A 238 24.74 -0.57 13.10
CA TYR A 238 23.63 0.26 13.54
C TYR A 238 22.36 -0.09 12.79
N LYS A 239 21.23 -0.06 13.50
CA LYS A 239 19.94 -0.32 12.90
C LYS A 239 18.91 0.57 13.59
N ARG A 240 18.21 1.39 12.81
CA ARG A 240 17.23 2.29 13.38
C ARG A 240 16.01 1.52 13.88
N ALA A 241 15.41 2.02 14.96
CA ALA A 241 14.18 1.45 15.47
C ALA A 241 13.02 1.81 14.55
N LEU A 242 11.84 1.30 14.89
CA LEU A 242 10.63 1.68 14.16
C LEU A 242 10.43 3.19 14.23
N LYS A 243 10.09 3.78 13.09
CA LYS A 243 9.79 5.20 13.02
C LYS A 243 8.54 5.50 13.85
N ASP A 244 8.47 6.72 14.38
CA ASP A 244 7.33 7.11 15.20
C ASP A 244 6.02 6.90 14.45
N PHE A 245 5.11 6.14 15.07
CA PHE A 245 3.83 5.80 14.45
C PHE A 245 2.65 6.24 15.31
N SER A 246 2.86 7.17 16.24
CA SER A 246 1.80 7.54 17.18
C SER A 246 0.62 8.19 16.47
N HIS A 247 0.86 8.83 15.32
CA HIS A 247 -0.24 9.43 14.57
C HIS A 247 -1.17 8.38 13.97
N LEU A 248 -0.72 7.13 13.86
CA LEU A 248 -1.57 6.07 13.31
C LEU A 248 -2.52 5.48 14.33
N VAL A 249 -2.28 5.71 15.63
CA VAL A 249 -3.18 5.20 16.65
C VAL A 249 -4.54 5.87 16.50
N GLY A 250 -5.60 5.08 16.64
CA GLY A 250 -6.94 5.61 16.52
C GLY A 250 -7.36 6.45 17.71
N ASN A 251 -8.54 7.05 17.60
CA ASN A 251 -9.08 7.94 18.60
C ASN A 251 -10.16 7.26 19.43
N CYS A 252 -10.43 7.84 20.59
CA CYS A 252 -11.48 7.33 21.47
C CYS A 252 -12.84 7.50 20.79
N SER A 253 -13.71 6.51 20.97
CA SER A 253 -15.05 6.56 20.41
C SER A 253 -15.97 7.49 21.19
N PHE A 254 -15.59 7.91 22.39
CA PHE A 254 -16.33 8.91 23.15
C PHE A 254 -15.75 10.32 22.97
N PHE A 255 -14.47 10.49 23.22
CA PHE A 255 -13.77 11.76 23.08
C PHE A 255 -12.85 11.65 21.87
N THR A 256 -13.38 12.02 20.70
CA THR A 256 -12.65 11.84 19.45
C THR A 256 -11.37 12.65 19.37
N ASP A 257 -11.19 13.64 20.25
CA ASP A 257 -9.94 14.39 20.32
C ASP A 257 -8.87 13.68 21.14
N GLU A 258 -9.20 12.54 21.75
CA GLU A 258 -8.27 11.78 22.57
C GLU A 258 -7.81 10.54 21.82
N LYS A 259 -6.58 10.12 22.10
CA LYS A 259 -6.06 8.88 21.56
C LYS A 259 -6.57 7.70 22.38
N ARG A 260 -6.65 6.54 21.73
CA ARG A 260 -7.03 5.32 22.44
C ARG A 260 -5.99 5.00 23.51
N ALA A 261 -6.44 4.35 24.57
CA ALA A 261 -5.52 4.00 25.64
C ALA A 261 -4.76 2.73 25.30
N PRO A 262 -3.50 2.64 25.71
CA PRO A 262 -2.75 1.39 25.49
C PRO A 262 -3.32 0.26 26.34
N LYS A 263 -3.36 -0.94 25.75
CA LYS A 263 -3.88 -2.10 26.47
C LYS A 263 -3.06 -2.40 27.72
N ASN A 264 -1.76 -2.14 27.68
CA ASN A 264 -0.87 -2.47 28.79
C ASN A 264 -0.63 -1.28 29.71
N SER A 265 -1.71 -0.68 30.19
CA SER A 265 -1.66 0.38 31.18
C SER A 265 -2.48 -0.02 32.41
N PRO A 266 -2.14 0.51 33.59
CA PRO A 266 -2.88 0.11 34.81
C PRO A 266 -4.38 0.31 34.71
N LEU A 267 -4.84 1.41 34.09
CA LEU A 267 -6.27 1.62 33.93
C LEU A 267 -6.87 0.58 32.98
N ALA A 268 -6.21 0.34 31.84
CA ALA A 268 -6.71 -0.64 30.89
C ALA A 268 -6.69 -2.05 31.46
N PHE A 269 -5.71 -2.36 32.31
CA PHE A 269 -5.73 -3.64 33.03
C PHE A 269 -6.94 -3.72 33.94
N MET A 270 -7.25 -2.63 34.66
CA MET A 270 -8.39 -2.63 35.56
C MET A 270 -9.70 -2.69 34.78
N PHE A 271 -9.78 -1.96 33.67
CA PHE A 271 -11.03 -1.86 32.92
C PHE A 271 -11.40 -3.20 32.28
N VAL A 272 -10.43 -3.85 31.61
CA VAL A 272 -10.71 -5.13 30.98
C VAL A 272 -11.02 -6.19 32.03
N ALA A 273 -10.35 -6.13 33.19
CA ALA A 273 -10.61 -7.10 34.25
C ALA A 273 -12.03 -6.95 34.77
N LEU A 274 -12.44 -5.72 35.11
CA LEU A 274 -13.79 -5.50 35.59
C LEU A 274 -14.82 -5.86 34.53
N THR A 275 -14.51 -5.60 33.25
CA THR A 275 -15.43 -5.94 32.18
C THR A 275 -15.69 -7.44 32.14
N ARG A 276 -14.63 -8.25 32.17
CA ARG A 276 -14.80 -9.70 32.11
C ARG A 276 -15.50 -10.22 33.36
N ILE A 277 -15.15 -9.70 34.53
CA ILE A 277 -15.70 -10.21 35.79
C ILE A 277 -17.17 -9.83 35.93
N ILE A 278 -17.49 -8.55 35.72
CA ILE A 278 -18.87 -8.10 35.88
C ILE A 278 -19.78 -8.76 34.86
N ASN A 279 -19.30 -8.93 33.63
CA ASN A 279 -20.12 -9.59 32.61
C ASN A 279 -20.34 -11.07 32.92
N LEU A 280 -19.37 -11.72 33.56
CA LEU A 280 -19.56 -13.12 33.93
C LEU A 280 -20.56 -13.26 35.07
N LEU A 281 -20.44 -12.41 36.10
CA LEU A 281 -21.36 -12.48 37.22
C LEU A 281 -22.80 -12.21 36.76
N ASN A 282 -22.99 -11.26 35.86
CA ASN A 282 -24.32 -11.00 35.33
C ASN A 282 -24.77 -12.10 34.37
N ASN A 283 -23.82 -12.77 33.70
CA ASN A 283 -24.18 -13.90 32.85
C ASN A 283 -24.69 -15.08 33.67
N LEU A 284 -24.15 -15.27 34.88
CA LEU A 284 -24.65 -16.33 35.75
C LEU A 284 -26.01 -15.99 36.33
N LYS A 285 -26.31 -14.69 36.48
CA LYS A 285 -27.62 -14.29 36.99
C LYS A 285 -28.72 -14.51 35.96
N ASN A 286 -28.41 -14.28 34.69
CA ASN A 286 -29.40 -14.44 33.63
C ASN A 286 -29.57 -15.88 33.18
N THR A 287 -28.61 -16.75 33.47
CA THR A 287 -28.67 -18.15 33.05
C THR A 287 -28.89 -19.12 34.20
N GLU A 288 -28.44 -18.79 35.41
CA GLU A 288 -28.59 -19.66 36.56
C GLU A 288 -29.31 -19.02 37.74
N GLY A 289 -29.56 -17.71 37.70
CA GLY A 289 -30.30 -17.05 38.76
C GLY A 289 -29.53 -16.76 40.02
N ILE A 290 -28.21 -16.84 39.99
CA ILE A 290 -27.38 -16.59 41.17
C ILE A 290 -26.94 -15.14 41.15
N LEU A 291 -27.36 -14.38 42.17
CA LEU A 291 -26.92 -13.01 42.34
C LEU A 291 -25.69 -12.99 43.24
N TYR A 292 -24.66 -12.25 42.82
CA TYR A 292 -23.38 -12.25 43.50
C TYR A 292 -23.12 -10.92 44.18
N THR A 293 -22.43 -10.98 45.31
CA THR A 293 -22.11 -9.80 46.11
C THR A 293 -21.03 -8.97 45.44
N LYS A 294 -20.90 -7.73 45.90
CA LYS A 294 -19.76 -6.91 45.50
C LYS A 294 -18.45 -7.45 46.07
N ASP A 295 -18.53 -8.21 47.17
CA ASP A 295 -17.34 -8.89 47.68
C ASP A 295 -16.90 -10.03 46.77
N ASP A 296 -17.85 -10.66 46.09
CA ASP A 296 -17.49 -11.67 45.09
C ASP A 296 -16.74 -11.04 43.93
N LEU A 297 -17.05 -9.79 43.59
CA LEU A 297 -16.30 -9.08 42.56
C LEU A 297 -14.88 -8.80 43.03
N ASN A 298 -14.73 -8.32 44.26
CA ASN A 298 -13.40 -8.02 44.80
C ASN A 298 -12.56 -9.27 45.00
N ALA A 299 -13.19 -10.44 45.12
CA ALA A 299 -12.44 -11.68 45.23
C ALA A 299 -11.81 -12.06 43.90
N LEU A 300 -12.60 -12.02 42.82
CA LEU A 300 -12.06 -12.29 41.50
C LEU A 300 -11.08 -11.21 41.06
N LEU A 301 -11.28 -9.97 41.52
CA LEU A 301 -10.39 -8.88 41.13
C LEU A 301 -9.05 -8.99 41.84
N ASN A 302 -9.07 -9.25 43.15
CA ASN A 302 -7.81 -9.34 43.89
C ASN A 302 -6.96 -10.51 43.42
N GLU A 303 -7.59 -11.58 42.90
CA GLU A 303 -6.82 -12.67 42.33
C GLU A 303 -6.17 -12.26 41.01
N VAL A 304 -6.80 -11.33 40.27
CA VAL A 304 -6.18 -10.82 39.06
C VAL A 304 -5.05 -9.85 39.40
N LEU A 305 -5.33 -8.89 40.28
CA LEU A 305 -4.34 -7.86 40.61
C LEU A 305 -3.08 -8.44 41.24
N LYS A 306 -3.14 -9.67 41.76
CA LYS A 306 -1.98 -10.27 42.41
C LYS A 306 -0.91 -10.64 41.39
N ASN A 307 -1.31 -11.37 40.34
CA ASN A 307 -0.35 -11.87 39.35
C ASN A 307 -0.79 -11.58 37.93
N GLY A 308 -1.74 -10.68 37.73
CA GLY A 308 -2.25 -10.42 36.40
C GLY A 308 -2.93 -11.60 35.75
N THR A 309 -3.35 -12.58 36.55
CA THR A 309 -3.85 -13.84 36.03
C THR A 309 -5.07 -14.28 36.84
N LEU A 310 -5.89 -15.12 36.22
CA LEU A 310 -7.06 -15.68 36.89
C LEU A 310 -7.50 -16.90 36.08
N THR A 311 -7.28 -18.09 36.64
CA THR A 311 -7.65 -19.30 35.95
C THR A 311 -9.15 -19.57 36.11
N TYR A 312 -9.67 -20.44 35.26
CA TYR A 312 -11.10 -20.74 35.30
C TYR A 312 -11.46 -21.58 36.52
N LYS A 313 -10.59 -22.51 36.91
CA LYS A 313 -10.87 -23.34 38.08
C LYS A 313 -10.95 -22.50 39.35
N GLN A 314 -10.16 -21.42 39.44
CA GLN A 314 -10.21 -20.58 40.62
C GLN A 314 -11.45 -19.70 40.64
N THR A 315 -11.91 -19.24 39.47
CA THR A 315 -13.19 -18.55 39.41
C THR A 315 -14.31 -19.45 39.88
N LYS A 316 -14.33 -20.69 39.39
CA LYS A 316 -15.35 -21.65 39.82
C LYS A 316 -15.26 -21.89 41.32
N LYS A 317 -14.04 -22.14 41.83
CA LYS A 317 -13.87 -22.43 43.25
C LYS A 317 -14.29 -21.26 44.12
N LEU A 318 -14.00 -20.03 43.68
CA LEU A 318 -14.33 -18.85 44.47
C LEU A 318 -15.82 -18.53 44.51
N LEU A 319 -16.69 -19.37 43.94
CA LEU A 319 -18.12 -19.06 44.00
C LEU A 319 -19.02 -20.26 43.72
N GLY A 320 -18.47 -21.41 43.35
CA GLY A 320 -19.34 -22.54 43.11
C GLY A 320 -18.62 -23.80 42.65
N LEU A 321 -19.32 -24.59 41.84
CA LEU A 321 -18.87 -25.91 41.44
C LEU A 321 -18.04 -25.84 40.16
N SER A 322 -17.52 -26.99 39.74
CA SER A 322 -16.76 -27.10 38.50
C SER A 322 -17.75 -27.18 37.35
N ASP A 323 -18.16 -26.03 36.84
CA ASP A 323 -19.19 -25.93 35.82
C ASP A 323 -18.65 -25.24 34.59
N ASP A 324 -19.31 -25.47 33.45
CA ASP A 324 -18.85 -24.99 32.15
C ASP A 324 -19.70 -23.80 31.73
N TYR A 325 -19.10 -22.61 31.73
CA TYR A 325 -19.72 -21.45 31.10
C TYR A 325 -19.60 -21.59 29.59
N GLU A 326 -19.91 -20.51 28.87
CA GLU A 326 -19.61 -20.42 27.45
C GLU A 326 -18.19 -19.89 27.30
N PHE A 327 -17.23 -20.78 27.59
CA PHE A 327 -15.83 -20.39 27.68
C PHE A 327 -14.94 -21.43 27.03
N LYS A 328 -13.65 -21.10 26.95
CA LYS A 328 -12.62 -22.00 26.45
C LYS A 328 -11.29 -21.58 27.03
N GLY A 329 -10.36 -22.54 27.10
CA GLY A 329 -9.03 -22.25 27.59
C GLY A 329 -8.88 -22.42 29.09
N GLU A 330 -7.68 -22.07 29.56
CA GLU A 330 -7.34 -22.19 30.98
C GLU A 330 -7.52 -20.90 31.75
N LYS A 331 -7.38 -19.75 31.11
CA LYS A 331 -7.39 -18.46 31.79
C LYS A 331 -8.65 -17.68 31.41
N GLY A 332 -9.32 -17.12 32.43
CA GLY A 332 -10.37 -16.17 32.16
C GLY A 332 -9.84 -14.76 31.96
N THR A 333 -8.74 -14.43 32.62
CA THR A 333 -8.03 -13.16 32.44
C THR A 333 -6.54 -13.47 32.33
N TYR A 334 -5.89 -12.90 31.32
CA TYR A 334 -4.48 -13.21 31.04
C TYR A 334 -3.77 -11.92 30.64
N PHE A 335 -3.05 -11.34 31.58
CA PHE A 335 -2.25 -10.13 31.35
C PHE A 335 -0.78 -10.51 31.53
N ILE A 336 -0.17 -11.03 30.47
CA ILE A 336 1.21 -11.51 30.56
C ILE A 336 2.15 -10.37 30.90
N GLU A 337 1.89 -9.18 30.37
CA GLU A 337 2.76 -8.03 30.59
C GLU A 337 2.51 -7.32 31.92
N PHE A 338 1.53 -7.77 32.71
CA PHE A 338 1.24 -7.11 33.98
C PHE A 338 2.36 -7.36 34.99
N LYS A 339 2.74 -8.63 35.18
CA LYS A 339 3.79 -8.95 36.14
C LYS A 339 5.11 -8.30 35.77
N LYS A 340 5.43 -8.29 34.47
CA LYS A 340 6.68 -7.67 34.02
C LYS A 340 6.68 -6.17 34.27
N TYR A 341 5.51 -5.54 34.17
CA TYR A 341 5.45 -4.09 34.40
C TYR A 341 5.60 -3.75 35.87
N LYS A 342 4.96 -4.52 36.75
CA LYS A 342 5.04 -4.23 38.18
C LYS A 342 6.42 -4.54 38.75
N GLU A 343 7.08 -5.59 38.25
CA GLU A 343 8.42 -5.90 38.70
C GLU A 343 9.42 -4.84 38.26
N PHE A 344 9.16 -4.15 37.15
CA PHE A 344 10.06 -3.11 36.69
C PHE A 344 9.92 -1.84 37.52
N ILE A 345 8.70 -1.52 37.94
CA ILE A 345 8.47 -0.35 38.79
C ILE A 345 8.94 -0.65 40.21
N SER A 354 2.19 9.18 40.55
CA SER A 354 0.77 9.41 40.32
C SER A 354 0.22 8.47 39.24
N GLN A 355 -1.09 8.22 39.28
CA GLN A 355 -1.70 7.30 38.33
C GLN A 355 -1.59 7.81 36.90
N ASP A 356 -1.58 9.14 36.71
CA ASP A 356 -1.36 9.68 35.38
C ASP A 356 0.06 9.41 34.89
N ASP A 357 1.03 9.31 35.82
CA ASP A 357 2.39 8.99 35.42
C ASP A 357 2.51 7.53 35.00
N LEU A 358 1.91 6.61 35.77
CA LEU A 358 1.93 5.21 35.39
C LEU A 358 1.27 5.00 34.04
N ASN A 359 0.14 5.68 33.80
CA ASN A 359 -0.56 5.54 32.53
C ASN A 359 0.19 6.20 31.39
N GLU A 360 0.90 7.30 31.67
CA GLU A 360 1.68 7.95 30.61
C GLU A 360 2.95 7.16 30.30
N ILE A 361 3.55 6.55 31.31
CA ILE A 361 4.74 5.72 31.10
C ILE A 361 4.40 4.52 30.23
N ALA A 362 3.27 3.86 30.51
CA ALA A 362 2.84 2.74 29.69
C ALA A 362 2.59 3.16 28.25
N LYS A 363 2.11 4.39 28.04
CA LYS A 363 1.95 4.91 26.68
C LYS A 363 3.30 5.07 26.00
N ASP A 364 4.31 5.55 26.74
CA ASP A 364 5.63 5.74 26.15
C ASP A 364 6.27 4.40 25.78
N ILE A 365 6.07 3.38 26.62
CA ILE A 365 6.60 2.05 26.30
C ILE A 365 5.93 1.49 25.06
N THR A 366 4.63 1.73 24.91
CA THR A 366 3.90 1.19 23.77
C THR A 366 4.34 1.83 22.46
N LEU A 367 4.64 3.13 22.50
CA LEU A 367 4.94 3.89 21.29
C LEU A 367 6.44 3.90 20.96
N ILE A 368 7.26 4.40 21.88
CA ILE A 368 8.68 4.62 21.62
C ILE A 368 9.43 3.30 21.58
N LYS A 369 9.57 2.74 20.38
CA LYS A 369 10.35 1.51 20.21
C LYS A 369 11.85 1.75 20.25
N ASP A 370 12.28 3.01 20.13
CA ASP A 370 13.69 3.37 20.25
C ASP A 370 14.04 3.44 21.73
N GLU A 371 14.84 2.48 22.21
CA GLU A 371 15.11 2.39 23.64
C GLU A 371 15.83 3.62 24.17
N ILE A 372 16.68 4.25 23.35
CA ILE A 372 17.38 5.46 23.80
C ILE A 372 16.39 6.60 24.00
N LYS A 373 15.53 6.85 23.01
CA LYS A 373 14.51 7.88 23.15
C LYS A 373 13.53 7.57 24.27
N LEU A 374 13.27 6.28 24.53
CA LEU A 374 12.38 5.90 25.61
C LEU A 374 13.00 6.22 26.97
N LYS A 375 14.31 6.00 27.12
CA LYS A 375 14.98 6.38 28.37
C LYS A 375 14.86 7.87 28.62
N LYS A 376 15.03 8.69 27.58
CA LYS A 376 14.93 10.13 27.73
C LYS A 376 13.54 10.54 28.19
N ALA A 377 12.50 9.92 27.62
CA ALA A 377 11.14 10.23 28.03
C ALA A 377 10.87 9.78 29.47
N LEU A 378 11.36 8.58 29.84
CA LEU A 378 11.16 8.08 31.19
C LEU A 378 11.98 8.84 32.22
N ALA A 379 13.09 9.48 31.80
CA ALA A 379 13.90 10.24 32.74
C ALA A 379 13.18 11.49 33.25
N LYS A 380 12.14 11.94 32.55
CA LYS A 380 11.39 13.10 33.01
C LYS A 380 10.61 12.82 34.30
N TYR A 381 10.34 11.55 34.60
CA TYR A 381 9.56 11.16 35.77
C TYR A 381 10.49 10.75 36.90
N ASP A 382 10.02 10.95 38.14
CA ASP A 382 10.81 10.70 39.34
C ASP A 382 11.02 9.19 39.50
N LEU A 383 12.02 8.68 38.77
CA LEU A 383 12.37 7.27 38.81
C LEU A 383 13.89 7.13 38.72
N ASN A 384 14.44 6.19 39.47
CA ASN A 384 15.88 5.97 39.47
C ASN A 384 16.31 5.28 38.17
N GLN A 385 17.62 5.20 37.97
CA GLN A 385 18.14 4.65 36.74
C GLN A 385 17.94 3.14 36.65
N ASN A 386 17.86 2.46 37.80
CA ASN A 386 17.56 1.03 37.78
C ASN A 386 16.14 0.76 37.29
N GLN A 387 15.22 1.69 37.54
CA GLN A 387 13.85 1.54 37.06
C GLN A 387 13.74 1.89 35.59
N ILE A 388 14.44 2.94 35.15
CA ILE A 388 14.37 3.35 33.74
C ILE A 388 14.89 2.25 32.83
N ASP A 389 15.94 1.55 33.25
CA ASP A 389 16.50 0.50 32.42
C ASP A 389 15.59 -0.73 32.37
N SER A 390 14.94 -1.05 33.48
CA SER A 390 14.02 -2.17 33.50
C SER A 390 12.74 -1.84 32.73
N LEU A 391 12.27 -0.59 32.81
CA LEU A 391 11.10 -0.18 32.07
C LEU A 391 11.38 -0.09 30.56
N SER A 392 12.63 0.19 30.19
CA SER A 392 12.96 0.34 28.78
C SER A 392 12.94 -0.99 28.05
N LYS A 393 13.22 -2.09 28.74
CA LYS A 393 13.29 -3.40 28.11
C LYS A 393 11.91 -4.03 27.89
N LEU A 394 10.84 -3.37 28.32
CA LEU A 394 9.49 -3.92 28.17
C LEU A 394 8.95 -3.67 26.78
N GLU A 395 8.16 -4.62 26.29
CA GLU A 395 7.59 -4.57 24.94
C GLU A 395 6.07 -4.60 25.07
N PHE A 396 5.45 -3.42 24.92
CA PHE A 396 4.00 -3.28 24.93
C PHE A 396 3.50 -3.00 23.52
N LYS A 397 2.25 -3.37 23.27
CA LYS A 397 1.59 -3.04 22.01
C LYS A 397 0.08 -3.11 22.24
N ASP A 398 -0.68 -2.75 21.20
CA ASP A 398 -2.13 -2.82 21.16
C ASP A 398 -2.79 -1.74 22.01
N HIS A 399 -4.01 -1.34 21.63
CA HIS A 399 -4.76 -0.31 22.32
C HIS A 399 -6.20 -0.76 22.51
N LEU A 400 -6.86 -0.18 23.51
CA LEU A 400 -8.30 -0.31 23.64
C LEU A 400 -8.98 0.60 22.61
N ASN A 401 -10.31 0.67 22.68
CA ASN A 401 -11.06 1.55 21.80
C ASN A 401 -11.55 2.81 22.50
N ILE A 402 -11.22 2.99 23.78
CA ILE A 402 -11.52 4.22 24.51
C ILE A 402 -10.24 4.76 25.12
N SER A 403 -10.29 6.02 25.55
CA SER A 403 -9.11 6.76 25.98
C SER A 403 -8.90 6.68 27.48
N PHE A 404 -7.78 7.24 27.93
CA PHE A 404 -7.55 7.42 29.36
C PHE A 404 -8.61 8.31 29.97
N LYS A 405 -8.98 9.39 29.29
CA LYS A 405 -9.99 10.31 29.80
C LYS A 405 -11.30 9.60 30.07
N ALA A 406 -11.68 8.67 29.19
CA ALA A 406 -12.90 7.89 29.41
C ALA A 406 -12.69 6.86 30.51
N LEU A 407 -11.52 6.24 30.57
CA LEU A 407 -11.24 5.25 31.61
C LEU A 407 -11.24 5.87 33.00
N LYS A 408 -10.81 7.13 33.11
CA LYS A 408 -10.84 7.81 34.40
C LYS A 408 -12.27 7.98 34.91
N LEU A 409 -13.24 8.03 34.01
CA LEU A 409 -14.63 8.25 34.40
C LEU A 409 -15.38 6.96 34.67
N VAL A 410 -15.13 5.92 33.87
CA VAL A 410 -15.95 4.71 33.91
C VAL A 410 -15.45 3.72 34.94
N THR A 411 -14.13 3.59 35.10
CA THR A 411 -13.60 2.58 36.03
C THR A 411 -13.96 2.82 37.49
N PRO A 412 -14.04 4.06 38.00
CA PRO A 412 -14.54 4.22 39.38
C PRO A 412 -15.94 3.66 39.58
N LEU A 413 -16.84 3.85 38.61
CA LEU A 413 -18.20 3.32 38.75
C LEU A 413 -18.22 1.80 38.63
N MET A 414 -17.36 1.24 37.77
CA MET A 414 -17.35 -0.21 37.59
C MET A 414 -16.68 -0.93 38.76
N LEU A 415 -15.78 -0.25 39.49
CA LEU A 415 -15.26 -0.82 40.72
C LEU A 415 -16.37 -1.03 41.74
N GLU A 416 -17.41 -0.20 41.69
CA GLU A 416 -18.58 -0.34 42.54
C GLU A 416 -19.56 -1.40 42.04
N GLY A 417 -19.17 -2.21 41.06
CA GLY A 417 -20.00 -3.29 40.57
C GLY A 417 -20.88 -2.96 39.39
N LYS A 418 -20.92 -1.70 38.97
CA LYS A 418 -21.82 -1.30 37.88
C LYS A 418 -21.30 -1.79 36.53
N LYS A 419 -22.23 -2.24 35.70
CA LYS A 419 -21.89 -2.70 34.36
C LYS A 419 -21.42 -1.53 33.49
N TYR A 420 -20.81 -1.86 32.36
CA TYR A 420 -20.26 -0.84 31.48
C TYR A 420 -21.34 0.12 30.99
N ASP A 421 -22.50 -0.42 30.58
CA ASP A 421 -23.57 0.44 30.10
C ASP A 421 -24.13 1.29 31.23
N GLU A 422 -24.27 0.72 32.43
CA GLU A 422 -24.80 1.48 33.56
C GLU A 422 -23.87 2.62 33.92
N ALA A 423 -22.55 2.38 33.89
CA ALA A 423 -21.60 3.44 34.18
C ALA A 423 -21.68 4.55 33.14
N CYS A 424 -21.86 4.19 31.87
CA CYS A 424 -21.94 5.19 30.81
C CYS A 424 -23.22 6.02 30.93
N ASN A 425 -24.35 5.37 31.25
CA ASN A 425 -25.60 6.11 31.42
C ASN A 425 -25.50 7.09 32.58
N GLU A 426 -24.87 6.66 33.68
CA GLU A 426 -24.75 7.51 34.86
C GLU A 426 -23.85 8.72 34.59
N LEU A 427 -22.88 8.60 33.70
CA LEU A 427 -21.99 9.69 33.34
C LEU A 427 -22.44 10.44 32.10
N ASN A 428 -23.56 10.04 31.50
CA ASN A 428 -24.07 10.65 30.27
C ASN A 428 -23.05 10.57 29.14
N LEU A 429 -22.34 9.45 29.05
CA LEU A 429 -21.38 9.20 27.98
C LEU A 429 -22.10 8.54 26.81
N LYS A 430 -22.15 9.24 25.68
CA LYS A 430 -22.71 8.72 24.45
C LYS A 430 -21.66 8.76 23.35
N VAL A 431 -21.75 7.80 22.44
CA VAL A 431 -20.77 7.71 21.36
C VAL A 431 -20.97 8.87 20.39
N ALA A 432 -19.87 9.38 19.85
CA ALA A 432 -19.92 10.53 18.96
C ALA A 432 -20.60 10.15 17.64
N ILE A 433 -21.71 10.81 17.34
CA ILE A 433 -22.46 10.59 16.11
C ILE A 433 -22.76 11.94 15.49
N ASN A 434 -22.49 12.06 14.18
CA ASN A 434 -22.66 13.33 13.49
C ASN A 434 -24.10 13.83 13.58
N GLU A 435 -24.25 15.14 13.73
CA GLU A 435 -25.57 15.76 13.92
C GLU A 435 -25.95 16.72 12.80
N ASP A 436 -24.99 17.37 12.15
CA ASP A 436 -25.29 18.34 11.10
C ASP A 436 -25.22 17.63 9.74
N LYS A 437 -26.35 17.53 9.07
CA LYS A 437 -26.45 16.87 7.77
C LYS A 437 -26.43 17.91 6.65
N LYS A 438 -25.86 17.53 5.52
CA LYS A 438 -25.71 18.42 4.37
C LYS A 438 -26.60 17.96 3.22
N ASP A 439 -26.80 18.88 2.26
CA ASP A 439 -27.53 18.53 1.05
C ASP A 439 -26.75 17.55 0.19
N PHE A 440 -25.44 17.74 0.08
CA PHE A 440 -24.57 16.84 -0.66
C PHE A 440 -23.66 16.09 0.32
N LEU A 441 -23.32 14.86 -0.06
CA LEU A 441 -22.50 14.02 0.81
C LEU A 441 -21.09 14.60 0.92
N PRO A 442 -20.63 14.93 2.13
CA PRO A 442 -19.28 15.48 2.27
C PRO A 442 -18.22 14.43 1.99
N ALA A 443 -16.99 14.91 1.77
CA ALA A 443 -15.87 14.02 1.53
C ALA A 443 -15.72 13.01 2.65
N PHE A 444 -15.48 11.75 2.27
CA PHE A 444 -15.30 10.69 3.27
C PHE A 444 -14.11 10.98 4.19
N ASN A 445 -13.13 11.74 3.71
CA ASN A 445 -11.96 12.09 4.50
C ASN A 445 -12.30 13.06 5.64
N GLU A 446 -13.48 13.66 5.64
CA GLU A 446 -13.88 14.63 6.65
C GLU A 446 -14.82 14.04 7.69
N THR A 447 -15.02 12.72 7.69
CA THR A 447 -15.92 12.06 8.63
C THR A 447 -15.13 11.26 9.65
N TYR A 448 -15.80 10.90 10.74
CA TYR A 448 -15.17 10.07 11.76
C TYR A 448 -15.05 8.61 11.32
N TYR A 449 -15.50 8.27 10.12
CA TYR A 449 -15.27 6.94 9.57
C TYR A 449 -13.92 6.83 8.85
N LYS A 450 -13.23 7.95 8.64
CA LYS A 450 -12.04 7.95 7.79
C LYS A 450 -10.93 7.08 8.37
N ASP A 451 -10.66 7.23 9.67
CA ASP A 451 -9.52 6.54 10.27
C ASP A 451 -9.64 5.03 10.23
N GLU A 452 -10.84 4.50 9.99
CA GLU A 452 -11.03 3.06 9.94
C GLU A 452 -10.60 2.44 8.61
N VAL A 453 -10.39 3.24 7.58
CA VAL A 453 -10.10 2.73 6.24
C VAL A 453 -8.73 3.24 5.82
N THR A 454 -7.77 2.32 5.68
CA THR A 454 -6.47 2.63 5.11
C THR A 454 -6.31 2.06 3.71
N ASN A 455 -7.19 1.17 3.28
CA ASN A 455 -7.04 0.50 1.99
C ASN A 455 -7.49 1.44 0.86
N PRO A 456 -6.58 1.82 -0.05
CA PRO A 456 -6.99 2.73 -1.15
C PRO A 456 -8.06 2.15 -2.05
N VAL A 457 -8.15 0.82 -2.15
CA VAL A 457 -9.21 0.21 -2.96
C VAL A 457 -10.58 0.60 -2.40
N VAL A 458 -10.74 0.49 -1.08
CA VAL A 458 -12.00 0.88 -0.45
C VAL A 458 -12.20 2.39 -0.57
N LEU A 459 -11.14 3.17 -0.31
CA LEU A 459 -11.25 4.61 -0.39
C LEU A 459 -11.67 5.06 -1.79
N ARG A 460 -11.17 4.39 -2.82
CA ARG A 460 -11.49 4.78 -4.19
C ARG A 460 -12.92 4.42 -4.55
N ALA A 461 -13.39 3.24 -4.11
CA ALA A 461 -14.78 2.86 -4.36
C ALA A 461 -15.74 3.78 -3.66
N ILE A 462 -15.40 4.22 -2.44
CA ILE A 462 -16.23 5.19 -1.73
C ILE A 462 -16.22 6.54 -2.45
N LYS A 463 -15.05 6.93 -2.97
CA LYS A 463 -14.94 8.18 -3.72
C LYS A 463 -15.90 8.20 -4.90
N GLU A 464 -15.98 7.10 -5.65
CA GLU A 464 -16.82 7.08 -6.84
C GLU A 464 -18.30 7.01 -6.46
N TYR A 465 -18.62 6.30 -5.39
CA TYR A 465 -19.99 6.34 -4.87
C TYR A 465 -20.40 7.78 -4.56
N ARG A 466 -19.52 8.54 -3.92
CA ARG A 466 -19.83 9.93 -3.59
C ARG A 466 -19.99 10.77 -4.85
N LYS A 467 -19.12 10.58 -5.84
CA LYS A 467 -19.18 11.39 -7.05
C LYS A 467 -20.47 11.15 -7.82
N VAL A 468 -20.90 9.90 -7.93
CA VAL A 468 -22.13 9.59 -8.65
C VAL A 468 -23.34 10.11 -7.88
N LEU A 469 -23.35 9.93 -6.56
CA LEU A 469 -24.50 10.37 -5.76
C LEU A 469 -24.68 11.88 -5.83
N ASN A 470 -23.61 12.63 -5.57
CA ASN A 470 -23.71 14.08 -5.61
C ASN A 470 -24.07 14.60 -7.00
N ALA A 471 -23.61 13.90 -8.04
CA ALA A 471 -24.04 14.25 -9.39
C ALA A 471 -25.55 14.08 -9.55
N LEU A 472 -26.09 12.98 -9.03
CA LEU A 472 -27.52 12.76 -9.09
C LEU A 472 -28.28 13.81 -8.29
N LEU A 473 -27.80 14.13 -7.08
CA LEU A 473 -28.45 15.15 -6.26
C LEU A 473 -28.39 16.52 -6.94
N LYS A 474 -27.27 16.83 -7.59
CA LYS A 474 -27.16 18.10 -8.31
C LYS A 474 -28.16 18.16 -9.46
N LYS A 475 -28.37 17.03 -10.13
CA LYS A 475 -29.23 17.01 -11.32
C LYS A 475 -30.70 16.88 -10.97
N TYR A 476 -31.03 16.08 -9.95
CA TYR A 476 -32.43 15.77 -9.65
C TYR A 476 -32.91 16.27 -8.29
N GLY A 477 -32.05 16.89 -7.49
CA GLY A 477 -32.48 17.42 -6.21
C GLY A 477 -32.50 16.37 -5.13
N LYS A 478 -33.05 16.77 -3.98
CA LYS A 478 -33.11 15.89 -2.83
C LYS A 478 -34.00 14.68 -3.08
N VAL A 479 -33.71 13.60 -2.35
CA VAL A 479 -34.37 12.31 -2.55
C VAL A 479 -34.90 11.84 -1.19
N HIS A 480 -35.79 10.84 -1.24
CA HIS A 480 -36.38 10.28 -0.04
C HIS A 480 -35.54 9.14 0.54
N LYS A 481 -35.31 8.09 -0.25
CA LYS A 481 -34.63 6.90 0.21
C LYS A 481 -33.47 6.56 -0.72
N ILE A 482 -32.43 5.97 -0.13
CA ILE A 482 -31.28 5.43 -0.86
C ILE A 482 -31.14 3.97 -0.49
N ASN A 483 -31.04 3.10 -1.50
CA ASN A 483 -30.88 1.67 -1.31
C ASN A 483 -29.51 1.23 -1.80
N ILE A 484 -28.80 0.46 -1.00
CA ILE A 484 -27.48 -0.05 -1.32
C ILE A 484 -27.52 -1.57 -1.31
N GLU A 485 -26.81 -2.20 -2.24
CA GLU A 485 -26.72 -3.65 -2.26
C GLU A 485 -25.58 -4.10 -1.36
N LEU A 486 -25.89 -5.01 -0.43
CA LEU A 486 -24.91 -5.56 0.50
C LEU A 486 -24.61 -6.99 0.10
N GLY A 487 -23.37 -7.25 -0.29
CA GLY A 487 -22.96 -8.58 -0.70
C GLY A 487 -22.10 -9.29 0.31
N GLY A 491 -15.98 -7.68 1.61
CA GLY A 491 -16.74 -7.04 0.57
C GLY A 491 -18.10 -6.53 1.04
N GLY A 492 -18.68 -7.24 2.00
CA GLY A 492 -19.98 -6.87 2.54
C GLY A 492 -19.90 -5.68 3.48
N TYR A 493 -18.86 -5.63 4.32
CA TYR A 493 -18.73 -4.55 5.28
C TYR A 493 -18.55 -3.20 4.59
N ILE A 494 -18.08 -3.19 3.34
CA ILE A 494 -17.96 -1.93 2.61
C ILE A 494 -19.33 -1.33 2.36
N ALA A 495 -20.32 -2.17 2.07
CA ALA A 495 -21.68 -1.66 1.88
C ALA A 495 -22.27 -1.19 3.20
N ARG A 496 -22.04 -1.96 4.28
CA ARG A 496 -22.44 -1.51 5.61
C ARG A 496 -21.77 -0.19 5.97
N LEU A 497 -20.51 -0.01 5.56
CA LEU A 497 -19.80 1.23 5.81
C LEU A 497 -20.41 2.39 5.04
N VAL A 498 -20.70 2.17 3.75
CA VAL A 498 -21.31 3.21 2.92
C VAL A 498 -22.68 3.57 3.44
N LEU A 499 -23.40 2.60 4.01
CA LEU A 499 -24.73 2.87 4.56
C LEU A 499 -24.63 3.83 5.75
N ASN A 500 -23.77 3.52 6.73
CA ASN A 500 -23.60 4.40 7.87
C ASN A 500 -23.02 5.74 7.46
N TYR A 501 -22.13 5.75 6.46
CA TYR A 501 -21.62 6.99 5.89
C TYR A 501 -22.76 7.90 5.43
N THR A 502 -23.71 7.35 4.68
CA THR A 502 -24.75 8.16 4.07
C THR A 502 -25.81 8.59 5.08
N LYS A 503 -26.21 7.69 5.98
CA LYS A 503 -27.28 8.02 6.92
C LYS A 503 -26.82 9.01 7.99
N ASP A 504 -25.50 9.08 8.26
CA ASP A 504 -25.00 9.99 9.27
C ASP A 504 -24.78 11.40 8.74
N TYR A 505 -24.56 11.57 7.44
CA TYR A 505 -24.12 12.84 6.90
C TYR A 505 -25.02 13.44 5.83
N LEU A 506 -25.86 12.65 5.17
CA LEU A 506 -26.70 13.16 4.08
C LEU A 506 -28.09 13.52 4.61
N ASP A 507 -28.62 14.63 4.10
CA ASP A 507 -29.96 15.09 4.41
C ASP A 507 -30.93 14.64 3.33
N PHE A 508 -32.16 14.33 3.73
CA PHE A 508 -33.18 13.80 2.83
C PHE A 508 -34.45 14.61 2.92
N LEU A 509 -35.39 14.31 2.03
CA LEU A 509 -36.75 14.76 2.16
C LEU A 509 -37.48 13.92 3.21
N PRO A 510 -38.41 14.50 3.96
CA PRO A 510 -39.12 13.73 4.98
C PRO A 510 -40.16 12.79 4.37
N LEU A 511 -40.37 11.67 5.05
CA LEU A 511 -41.37 10.71 4.62
C LEU A 511 -42.78 11.15 4.97
N SER A 512 -42.94 11.85 6.09
CA SER A 512 -44.26 12.18 6.61
C SER A 512 -44.14 13.36 7.57
N ASP A 513 -45.28 13.77 8.12
CA ASP A 513 -45.37 14.79 9.18
C ASP A 513 -44.57 16.05 8.87
N VAL A 528 -35.98 6.36 8.74
CA VAL A 528 -35.02 5.54 8.02
C VAL A 528 -35.05 5.88 6.53
N HIS A 529 -33.91 6.34 6.01
CA HIS A 529 -33.79 6.70 4.61
C HIS A 529 -32.80 5.85 3.83
N VAL A 530 -31.76 5.33 4.47
CA VAL A 530 -30.77 4.49 3.80
C VAL A 530 -31.03 3.05 4.21
N GLU A 531 -31.38 2.21 3.25
CA GLU A 531 -31.66 0.81 3.48
C GLU A 531 -30.68 -0.06 2.71
N ALA A 532 -30.33 -1.21 3.29
CA ALA A 532 -29.50 -2.19 2.63
C ALA A 532 -30.38 -3.30 2.06
N LYS A 533 -30.08 -3.72 0.83
CA LYS A 533 -30.79 -4.79 0.17
C LYS A 533 -29.90 -6.03 0.13
N SER A 534 -30.48 -7.16 0.53
CA SER A 534 -29.71 -8.39 0.65
C SER A 534 -29.26 -8.88 -0.73
N GLY A 535 -27.98 -9.21 -0.85
CA GLY A 535 -27.46 -9.74 -2.10
C GLY A 535 -28.11 -11.03 -2.53
N MET A 536 -28.49 -11.87 -1.56
CA MET A 536 -29.22 -13.09 -1.87
C MET A 536 -30.61 -12.77 -2.40
N LEU A 537 -31.18 -11.63 -2.01
CA LEU A 537 -32.47 -11.21 -2.54
C LEU A 537 -32.34 -10.67 -3.96
N THR A 538 -31.18 -10.11 -4.32
CA THR A 538 -30.99 -9.58 -5.67
C THR A 538 -30.95 -10.70 -6.70
N SER A 539 -30.17 -11.75 -6.43
CA SER A 539 -30.03 -12.83 -7.40
C SER A 539 -31.35 -13.57 -7.60
N ALA A 540 -32.14 -13.71 -6.53
CA ALA A 540 -33.45 -14.34 -6.66
C ALA A 540 -34.42 -13.47 -7.43
N LEU A 541 -34.46 -12.17 -7.10
CA LEU A 541 -35.32 -11.25 -7.83
C LEU A 541 -34.87 -11.09 -9.27
N ARG A 542 -33.56 -11.22 -9.53
CA ARG A 542 -33.06 -11.17 -10.90
C ARG A 542 -33.65 -12.31 -11.74
N HIS A 543 -33.85 -13.47 -11.12
CA HIS A 543 -34.50 -14.58 -11.83
C HIS A 543 -36.01 -14.37 -11.91
N THR A 544 -36.62 -13.83 -10.85
CA THR A 544 -38.05 -13.58 -10.86
C THR A 544 -38.44 -12.59 -11.95
N TRP A 545 -37.68 -11.49 -12.07
CA TRP A 545 -37.97 -10.49 -13.08
C TRP A 545 -37.52 -10.90 -14.48
N GLY A 546 -36.64 -11.88 -14.59
CA GLY A 546 -36.19 -12.38 -15.87
C GLY A 546 -34.90 -11.79 -16.41
N PHE A 547 -34.17 -11.03 -15.59
CA PHE A 547 -32.92 -10.40 -16.01
C PHE A 547 -31.70 -11.26 -15.68
N SER A 548 -31.88 -12.55 -15.39
CA SER A 548 -30.80 -13.36 -14.83
C SER A 548 -29.67 -13.59 -15.84
N ALA A 549 -29.97 -13.68 -17.13
CA ALA A 549 -28.96 -13.95 -18.14
C ALA A 549 -28.97 -12.89 -19.24
N LYS A 550 -29.31 -11.65 -18.89
CA LYS A 550 -29.47 -10.60 -19.90
C LYS A 550 -28.13 -10.10 -20.41
N ASP A 551 -27.36 -9.42 -19.55
CA ASP A 551 -26.13 -8.74 -19.94
C ASP A 551 -24.98 -9.11 -19.01
N ARG A 552 -24.78 -10.41 -18.80
CA ARG A 552 -23.77 -10.84 -17.83
C ARG A 552 -22.35 -10.53 -18.29
N ASN A 553 -22.13 -10.42 -19.60
CA ASN A 553 -20.78 -10.32 -20.15
C ASN A 553 -20.36 -8.89 -20.48
N ASN A 554 -21.20 -7.89 -20.22
CA ASN A 554 -20.87 -6.50 -20.51
C ASN A 554 -21.13 -5.64 -19.28
N HIS A 555 -20.82 -4.34 -19.41
CA HIS A 555 -20.85 -3.44 -18.26
C HIS A 555 -22.27 -3.11 -17.80
N LEU A 556 -23.27 -3.31 -18.66
CA LEU A 556 -24.62 -2.83 -18.35
C LEU A 556 -25.30 -3.61 -17.24
N HIS A 557 -24.77 -4.77 -16.84
CA HIS A 557 -25.46 -5.58 -15.83
C HIS A 557 -25.36 -4.98 -14.44
N HIS A 558 -24.39 -4.08 -14.20
CA HIS A 558 -24.36 -3.39 -12.92
C HIS A 558 -25.51 -2.42 -12.76
N ALA A 559 -26.12 -1.98 -13.87
CA ALA A 559 -27.27 -1.09 -13.78
C ALA A 559 -28.57 -1.85 -13.57
N ILE A 560 -28.73 -2.99 -14.25
CA ILE A 560 -29.94 -3.78 -14.05
C ILE A 560 -30.02 -4.28 -12.62
N ASP A 561 -28.87 -4.50 -11.97
CA ASP A 561 -28.89 -4.80 -10.55
C ASP A 561 -29.31 -3.60 -9.72
N ALA A 562 -28.96 -2.38 -10.17
CA ALA A 562 -29.39 -1.18 -9.44
C ALA A 562 -30.87 -0.91 -9.64
N VAL A 563 -31.44 -1.28 -10.79
CA VAL A 563 -32.86 -1.09 -11.01
C VAL A 563 -33.67 -2.03 -10.13
N ILE A 564 -33.23 -3.29 -10.01
CA ILE A 564 -33.89 -4.23 -9.13
C ILE A 564 -33.86 -3.72 -7.69
N ILE A 565 -32.73 -3.15 -7.26
CA ILE A 565 -32.64 -2.57 -5.93
C ILE A 565 -33.59 -1.41 -5.76
N ALA A 566 -33.84 -0.66 -6.84
CA ALA A 566 -34.75 0.48 -6.77
C ALA A 566 -36.20 0.04 -6.62
N TYR A 567 -36.52 -1.20 -6.93
CA TYR A 567 -37.89 -1.71 -6.80
C TYR A 567 -37.98 -2.79 -5.73
N ARG A 614 -41.39 -4.48 -18.08
CA ARG A 614 -40.07 -5.09 -18.15
C ARG A 614 -39.34 -4.66 -19.41
N GLN A 615 -40.09 -4.44 -20.49
CA GLN A 615 -39.49 -3.88 -21.69
C GLN A 615 -39.29 -2.37 -21.57
N LYS A 616 -39.92 -1.73 -20.58
CA LYS A 616 -39.72 -0.31 -20.34
C LYS A 616 -38.42 -0.03 -19.63
N VAL A 617 -37.99 -0.91 -18.72
CA VAL A 617 -36.70 -0.73 -18.07
C VAL A 617 -35.56 -1.07 -19.02
N LEU A 618 -35.74 -2.06 -19.89
CA LEU A 618 -34.71 -2.38 -20.87
C LEU A 618 -34.52 -1.25 -21.88
N ASP A 619 -35.58 -0.48 -22.17
CA ASP A 619 -35.42 0.70 -23.00
C ASP A 619 -34.51 1.73 -22.34
N LYS A 620 -34.55 1.81 -21.01
CA LYS A 620 -33.66 2.72 -20.30
C LYS A 620 -32.24 2.14 -20.17
N ILE A 621 -32.12 0.82 -20.16
CA ILE A 621 -30.79 0.20 -20.11
C ILE A 621 -30.04 0.44 -21.41
N ASP A 622 -30.75 0.37 -22.54
CA ASP A 622 -30.11 0.61 -23.83
C ASP A 622 -29.72 2.07 -24.01
N GLU A 623 -30.37 2.99 -23.29
CA GLU A 623 -29.98 4.40 -23.33
C GLU A 623 -28.69 4.68 -22.56
N ILE A 624 -28.21 3.71 -21.77
CA ILE A 624 -27.06 3.96 -20.91
C ILE A 624 -25.81 4.13 -21.76
N PHE A 625 -25.08 5.23 -21.52
CA PHE A 625 -23.71 5.36 -21.96
C PHE A 625 -22.81 5.15 -20.76
N VAL A 626 -21.97 4.12 -20.82
CA VAL A 626 -21.13 3.76 -19.68
C VAL A 626 -20.06 4.84 -19.49
N SER A 627 -19.93 5.31 -18.24
CA SER A 627 -19.03 6.41 -17.91
C SER A 627 -17.72 5.86 -17.35
N LYS A 628 -16.61 6.31 -17.93
CA LYS A 628 -15.27 6.01 -17.47
C LYS A 628 -14.49 7.31 -17.33
N PRO A 629 -13.72 7.49 -16.26
CA PRO A 629 -12.93 8.70 -16.11
C PRO A 629 -11.62 8.61 -16.88
N GLU A 630 -11.20 9.74 -17.45
CA GLU A 630 -9.89 9.76 -18.07
C GLU A 630 -8.81 9.77 -16.99
N ARG A 631 -7.69 9.11 -17.30
CA ARG A 631 -6.61 8.87 -16.33
C ARG A 631 -5.50 9.89 -16.59
N LYS A 632 -5.56 11.03 -15.90
CA LYS A 632 -4.61 12.11 -16.15
C LYS A 632 -3.39 12.05 -15.24
N LYS A 633 -3.25 10.99 -14.44
CA LYS A 633 -2.16 10.92 -13.47
C LYS A 633 -0.81 10.92 -14.17
N PRO A 634 0.04 11.92 -13.93
CA PRO A 634 1.34 11.97 -14.62
C PRO A 634 2.46 11.23 -13.92
N SER A 635 2.23 10.73 -12.71
CA SER A 635 3.27 10.05 -11.96
C SER A 635 3.20 8.55 -12.22
N GLY A 636 4.25 7.85 -11.79
CA GLY A 636 4.37 6.44 -12.03
C GLY A 636 5.82 6.05 -12.25
N ALA A 637 6.08 4.76 -12.46
CA ALA A 637 7.43 4.32 -12.79
C ALA A 637 7.95 5.09 -13.99
N LEU A 638 9.12 5.68 -13.84
CA LEU A 638 9.69 6.51 -14.91
C LEU A 638 10.24 5.68 -16.06
N HIS A 639 10.37 4.36 -15.89
CA HIS A 639 10.97 3.48 -16.89
C HIS A 639 10.82 2.05 -16.42
N GLU A 640 11.04 1.11 -17.34
CA GLU A 640 11.07 -0.29 -16.98
C GLU A 640 12.25 -0.57 -16.06
N GLU A 641 12.10 -1.59 -15.21
CA GLU A 641 13.11 -1.89 -14.20
C GLU A 641 14.28 -2.71 -14.75
N THR A 642 14.13 -3.33 -15.91
CA THR A 642 15.20 -4.13 -16.48
C THR A 642 16.25 -3.22 -17.09
N PHE A 643 17.47 -3.30 -16.56
CA PHE A 643 18.60 -2.60 -17.15
C PHE A 643 19.11 -3.39 -18.35
N ARG A 644 19.35 -2.71 -19.47
CA ARG A 644 19.63 -3.39 -20.72
C ARG A 644 20.91 -2.87 -21.35
N LYS A 645 21.65 -3.77 -22.00
CA LYS A 645 22.79 -3.37 -22.80
C LYS A 645 22.30 -2.74 -24.10
N GLU A 646 22.98 -1.69 -24.54
CA GLU A 646 22.55 -1.00 -25.76
C GLU A 646 22.67 -1.89 -26.99
N GLU A 647 23.49 -2.95 -26.93
CA GLU A 647 23.62 -3.86 -28.06
C GLU A 647 22.30 -4.54 -28.39
N GLU A 648 21.41 -4.70 -27.41
CA GLU A 648 20.11 -5.31 -27.66
C GLU A 648 19.29 -4.53 -28.68
N PHE A 649 19.56 -3.24 -28.85
CA PHE A 649 18.79 -2.39 -29.75
C PHE A 649 19.49 -2.13 -31.07
N TYR A 650 20.68 -2.71 -31.28
CA TYR A 650 21.42 -2.44 -32.51
C TYR A 650 20.64 -2.92 -33.74
N GLN A 651 20.05 -4.11 -33.66
CA GLN A 651 19.32 -4.63 -34.81
C GLN A 651 18.04 -3.85 -35.08
N SER A 652 17.35 -3.45 -34.02
CA SER A 652 16.04 -2.81 -34.19
C SER A 652 16.17 -1.34 -34.57
N TYR A 653 17.16 -0.64 -34.01
CA TYR A 653 17.30 0.80 -34.24
C TYR A 653 18.37 1.15 -35.26
N GLY A 654 19.34 0.26 -35.50
CA GLY A 654 20.36 0.51 -36.50
C GLY A 654 21.72 0.88 -35.93
N GLY A 655 22.35 -0.05 -35.22
CA GLY A 655 23.65 0.21 -34.64
C GLY A 655 23.61 1.24 -33.53
N LYS A 656 24.80 1.61 -33.06
CA LYS A 656 24.89 2.62 -32.02
C LYS A 656 24.52 4.00 -32.53
N GLU A 657 24.52 4.21 -33.85
CA GLU A 657 24.00 5.44 -34.41
C GLU A 657 22.50 5.57 -34.13
N GLY A 658 21.75 4.49 -34.39
CA GLY A 658 20.31 4.52 -34.15
C GLY A 658 19.95 4.58 -32.67
N VAL A 659 20.79 3.99 -31.81
CA VAL A 659 20.52 4.04 -30.38
C VAL A 659 20.59 5.47 -29.87
N LEU A 660 21.62 6.22 -30.30
CA LEU A 660 21.72 7.61 -29.90
C LEU A 660 20.55 8.42 -30.42
N LYS A 661 20.06 8.10 -31.62
CA LYS A 661 18.89 8.78 -32.14
C LYS A 661 17.64 8.44 -31.34
N ALA A 662 17.48 7.17 -30.97
CA ALA A 662 16.34 6.79 -30.15
C ALA A 662 16.37 7.47 -28.79
N LEU A 663 17.57 7.65 -28.22
CA LEU A 663 17.69 8.36 -26.94
C LEU A 663 17.27 9.81 -27.09
N GLU A 664 17.67 10.46 -28.18
CA GLU A 664 17.30 11.86 -28.40
C GLU A 664 15.80 12.03 -28.59
N LEU A 665 15.13 11.01 -29.13
CA LEU A 665 13.69 11.09 -29.38
C LEU A 665 12.85 10.68 -28.17
N GLY A 666 13.45 10.03 -27.18
CA GLY A 666 12.70 9.53 -26.05
C GLY A 666 12.15 8.12 -26.23
N LYS A 667 12.54 7.43 -27.30
CA LYS A 667 12.12 6.05 -27.49
C LYS A 667 12.72 5.11 -26.46
N ILE A 668 13.89 5.48 -25.91
CA ILE A 668 14.49 4.79 -24.77
C ILE A 668 15.12 5.86 -23.88
N ARG A 669 15.44 5.47 -22.66
CA ARG A 669 16.12 6.36 -21.73
C ARG A 669 17.41 5.69 -21.24
N LYS A 670 18.32 6.52 -20.76
CA LYS A 670 19.53 6.07 -20.08
C LYS A 670 19.54 6.69 -18.68
N VAL A 671 19.43 5.86 -17.66
CA VAL A 671 19.50 6.29 -16.27
C VAL A 671 20.64 5.56 -15.59
N ASN A 672 21.48 6.31 -14.87
CA ASN A 672 22.64 5.75 -14.17
C ASN A 672 23.51 4.91 -15.13
N GLY A 673 23.61 5.38 -16.37
CA GLY A 673 24.38 4.67 -17.38
C GLY A 673 23.74 3.39 -17.86
N LYS A 674 22.45 3.20 -17.64
CA LYS A 674 21.75 1.96 -17.98
C LYS A 674 20.60 2.27 -18.92
N ILE A 675 20.52 1.51 -20.01
CA ILE A 675 19.44 1.68 -20.99
C ILE A 675 18.18 1.04 -20.44
N VAL A 676 17.07 1.78 -20.51
CA VAL A 676 15.78 1.30 -20.02
C VAL A 676 14.69 1.70 -20.99
N LYS A 677 13.65 0.90 -21.05
CA LYS A 677 12.49 1.23 -21.87
C LYS A 677 11.58 2.21 -21.13
N ASN A 678 10.65 2.80 -21.87
CA ASN A 678 9.78 3.82 -21.31
C ASN A 678 8.83 3.24 -20.27
N GLY A 679 8.36 4.11 -19.39
CA GLY A 679 7.25 3.80 -18.51
C GLY A 679 5.93 3.99 -19.23
N ASP A 680 4.89 4.29 -18.47
CA ASP A 680 3.57 4.48 -19.05
C ASP A 680 3.56 5.72 -19.95
N MET A 681 2.84 5.62 -21.06
CA MET A 681 2.53 6.77 -21.91
C MET A 681 1.22 7.34 -21.39
N PHE A 682 1.30 8.23 -20.40
CA PHE A 682 0.09 8.70 -19.74
C PHE A 682 -0.68 9.72 -20.57
N ARG A 683 -0.04 10.28 -21.60
CA ARG A 683 -0.67 11.34 -22.38
C ARG A 683 -0.11 11.32 -23.79
N VAL A 684 -0.96 11.68 -24.75
CA VAL A 684 -0.56 11.87 -26.14
C VAL A 684 -1.23 13.13 -26.65
N ASP A 685 -0.44 14.01 -27.26
CA ASP A 685 -0.94 15.28 -27.78
C ASP A 685 -1.17 15.16 -29.28
N ILE A 686 -2.38 15.50 -29.71
CA ILE A 686 -2.80 15.33 -31.10
C ILE A 686 -2.71 16.68 -31.80
N PHE A 687 -2.05 16.69 -32.95
CA PHE A 687 -1.93 17.88 -33.79
C PHE A 687 -2.59 17.61 -35.14
N LYS A 688 -2.93 18.70 -35.83
CA LYS A 688 -3.52 18.63 -37.16
C LYS A 688 -2.81 19.64 -38.04
N HIS A 689 -2.32 19.18 -39.20
CA HIS A 689 -1.65 20.08 -40.13
C HIS A 689 -2.65 21.08 -40.69
N LYS A 690 -2.29 22.35 -40.67
CA LYS A 690 -3.23 23.42 -40.97
C LYS A 690 -3.74 23.39 -42.41
N LYS A 691 -2.98 22.80 -43.34
CA LYS A 691 -3.37 22.77 -44.74
C LYS A 691 -3.79 21.38 -45.22
N THR A 692 -3.05 20.34 -44.84
CA THR A 692 -3.34 18.99 -45.31
C THR A 692 -4.36 18.26 -44.45
N ASN A 693 -4.66 18.76 -43.25
CA ASN A 693 -5.64 18.17 -42.33
C ASN A 693 -5.23 16.79 -41.86
N LYS A 694 -3.96 16.41 -42.05
CA LYS A 694 -3.45 15.16 -41.50
C LYS A 694 -3.22 15.31 -40.00
N PHE A 695 -3.43 14.21 -39.27
CA PHE A 695 -3.26 14.21 -37.83
C PHE A 695 -1.89 13.64 -37.46
N TYR A 696 -1.37 14.11 -36.32
CA TYR A 696 -0.06 13.72 -35.84
C TYR A 696 -0.12 13.62 -34.31
N ALA A 697 0.70 12.72 -33.76
CA ALA A 697 0.64 12.42 -32.34
C ALA A 697 2.02 12.58 -31.70
N VAL A 698 2.07 13.26 -30.56
CA VAL A 698 3.27 13.42 -29.76
C VAL A 698 3.09 12.58 -28.49
N PRO A 699 3.81 11.46 -28.36
CA PRO A 699 3.69 10.64 -27.14
C PRO A 699 4.41 11.29 -25.97
N ILE A 700 3.84 11.15 -24.79
CA ILE A 700 4.34 11.77 -23.57
C ILE A 700 4.34 10.74 -22.46
N TYR A 701 5.52 10.45 -21.92
CA TYR A 701 5.70 9.40 -20.93
C TYR A 701 5.96 9.99 -19.56
N THR A 702 5.96 9.11 -18.55
CA THR A 702 6.20 9.55 -17.18
C THR A 702 7.57 10.19 -17.03
N MET A 703 8.57 9.71 -17.79
CA MET A 703 9.90 10.30 -17.69
C MET A 703 9.92 11.73 -18.22
N ASP A 704 9.12 12.03 -19.24
CA ASP A 704 9.06 13.40 -19.77
C ASP A 704 8.51 14.36 -18.73
N PHE A 705 7.50 13.94 -17.97
CA PHE A 705 6.98 14.79 -16.91
C PHE A 705 8.00 14.96 -15.79
N ALA A 706 8.71 13.87 -15.44
CA ALA A 706 9.77 13.97 -14.44
C ALA A 706 10.84 14.96 -14.88
N LEU A 707 11.27 14.88 -16.15
CA LEU A 707 12.22 15.83 -16.70
C LEU A 707 11.64 17.23 -16.86
N LYS A 708 10.30 17.37 -16.80
CA LYS A 708 9.62 18.66 -16.94
C LYS A 708 9.96 19.33 -18.26
N VAL A 709 10.11 18.51 -19.30
CA VAL A 709 10.34 18.98 -20.67
C VAL A 709 9.26 18.38 -21.55
N LEU A 710 8.44 19.23 -22.15
CA LEU A 710 7.31 18.78 -22.95
C LEU A 710 7.81 18.36 -24.34
N PRO A 711 7.65 17.10 -24.73
CA PRO A 711 8.07 16.69 -26.08
C PRO A 711 7.26 17.44 -27.14
N ASN A 712 7.86 17.57 -28.34
CA ASN A 712 7.22 18.36 -29.39
C ASN A 712 7.54 17.82 -30.79
N LYS A 713 7.82 16.53 -30.90
CA LYS A 713 8.03 15.89 -32.20
C LYS A 713 7.03 14.76 -32.35
N ALA A 714 6.29 14.77 -33.46
CA ALA A 714 5.29 13.74 -33.70
C ALA A 714 5.92 12.50 -34.31
N VAL A 715 5.37 11.34 -33.96
CA VAL A 715 5.91 10.08 -34.43
C VAL A 715 5.76 9.96 -35.94
N ALA A 716 6.78 9.43 -36.59
CA ALA A 716 6.73 9.05 -38.00
C ALA A 716 7.10 7.58 -38.11
N ARG A 717 6.37 6.86 -38.97
CA ARG A 717 6.69 5.46 -39.24
C ARG A 717 8.08 5.34 -39.83
N SER A 718 8.78 4.26 -39.45
CA SER A 718 10.12 4.00 -39.95
C SER A 718 10.18 2.59 -40.52
N LYS A 719 11.21 2.34 -41.33
CA LYS A 719 11.45 1.03 -41.90
C LYS A 719 11.92 0.07 -40.80
N LYS A 720 12.29 -1.14 -41.19
CA LYS A 720 12.48 -2.21 -40.22
C LYS A 720 13.66 -1.94 -39.29
N GLY A 721 14.84 -1.69 -39.86
CA GLY A 721 16.03 -1.54 -39.02
C GLY A 721 16.59 -0.13 -38.95
N GLU A 722 15.73 0.88 -38.92
CA GLU A 722 16.17 2.26 -38.89
C GLU A 722 15.13 3.10 -38.17
N ILE A 723 15.50 4.34 -37.88
CA ILE A 723 14.64 5.28 -37.17
C ILE A 723 14.50 6.51 -38.05
N LYS A 724 13.33 6.66 -38.69
CA LYS A 724 13.05 7.87 -39.45
C LYS A 724 12.89 9.06 -38.51
N ASP A 725 13.30 10.24 -39.00
CA ASP A 725 13.16 11.47 -38.24
C ASP A 725 11.71 11.67 -37.80
N TRP A 726 11.54 12.16 -36.57
CA TRP A 726 10.22 12.57 -36.14
C TRP A 726 9.93 14.00 -36.60
N ILE A 727 8.66 14.36 -36.60
CA ILE A 727 8.19 15.60 -37.21
C ILE A 727 8.03 16.66 -36.14
N LEU A 728 8.81 17.73 -36.25
CA LEU A 728 8.69 18.85 -35.32
C LEU A 728 7.34 19.54 -35.51
N MET A 729 6.65 19.81 -34.41
CA MET A 729 5.35 20.47 -34.46
C MET A 729 5.58 21.98 -34.43
N ASP A 730 5.87 22.53 -35.60
CA ASP A 730 6.14 23.96 -35.74
C ASP A 730 4.83 24.69 -36.04
N GLU A 731 4.93 25.89 -36.61
CA GLU A 731 3.76 26.74 -36.83
C GLU A 731 2.80 26.16 -37.87
N ASN A 732 3.24 25.18 -38.66
CA ASN A 732 2.36 24.55 -39.64
C ASN A 732 1.36 23.60 -39.00
N TYR A 733 1.59 23.19 -37.77
CA TYR A 733 0.73 22.23 -37.09
C TYR A 733 -0.05 22.92 -35.98
N GLU A 734 -1.26 22.42 -35.75
CA GLU A 734 -2.24 23.04 -34.87
C GLU A 734 -2.59 22.05 -33.77
N PHE A 735 -2.30 22.41 -32.52
CA PHE A 735 -2.67 21.56 -31.40
C PHE A 735 -4.19 21.40 -31.34
N CYS A 736 -4.65 20.16 -31.23
CA CYS A 736 -6.07 19.86 -31.17
C CYS A 736 -6.54 19.62 -29.74
N PHE A 737 -5.99 18.61 -29.08
CA PHE A 737 -6.39 18.23 -27.74
C PHE A 737 -5.36 17.24 -27.21
N SER A 738 -5.46 16.94 -25.92
CA SER A 738 -4.63 15.94 -25.27
C SER A 738 -5.49 14.74 -24.93
N LEU A 739 -4.95 13.54 -25.16
CA LEU A 739 -5.65 12.30 -24.87
C LEU A 739 -4.97 11.58 -23.71
N TYR A 740 -5.79 11.07 -22.81
CA TYR A 740 -5.36 10.21 -21.73
C TYR A 740 -6.11 8.89 -21.86
N LYS A 741 -5.64 7.87 -21.15
CA LYS A 741 -6.34 6.59 -21.13
C LYS A 741 -7.78 6.80 -20.70
N ASP A 742 -8.71 6.23 -21.46
CA ASP A 742 -10.17 6.34 -21.29
C ASP A 742 -10.71 7.74 -21.58
N SER A 743 -9.96 8.58 -22.27
CA SER A 743 -10.57 9.76 -22.88
C SER A 743 -11.61 9.33 -23.90
N LEU A 744 -12.71 10.07 -23.97
CA LEU A 744 -13.74 9.79 -24.96
C LEU A 744 -13.46 10.55 -26.24
N ILE A 745 -13.48 9.85 -27.37
CA ILE A 745 -13.23 10.46 -28.67
C ILE A 745 -14.30 10.03 -29.66
N LEU A 746 -14.50 10.86 -30.67
CA LEU A 746 -15.36 10.57 -31.81
C LEU A 746 -14.46 10.42 -33.02
N ILE A 747 -14.42 9.22 -33.60
CA ILE A 747 -13.55 8.95 -34.73
C ILE A 747 -14.37 8.38 -35.88
N GLN A 748 -13.84 8.57 -37.08
CA GLN A 748 -14.41 7.97 -38.28
C GLN A 748 -13.26 7.68 -39.24
N THR A 749 -13.04 6.40 -39.53
CA THR A 749 -12.07 6.03 -40.54
C THR A 749 -12.69 6.20 -41.93
N LYS A 750 -11.86 6.07 -42.96
CA LYS A 750 -12.36 6.20 -44.32
C LYS A 750 -13.33 5.08 -44.68
N ASP A 751 -13.21 3.92 -44.02
CA ASP A 751 -14.11 2.81 -44.27
C ASP A 751 -15.48 3.01 -43.63
N MET A 752 -15.63 3.99 -42.75
CA MET A 752 -16.86 4.19 -42.00
C MET A 752 -17.73 5.25 -42.67
N GLN A 753 -19.04 5.04 -42.61
CA GLN A 753 -20.00 6.00 -43.16
C GLN A 753 -20.42 7.06 -42.16
N GLU A 754 -20.20 6.82 -40.87
CA GLU A 754 -20.55 7.74 -39.80
C GLU A 754 -19.48 7.67 -38.72
N PRO A 755 -19.32 8.73 -37.94
CA PRO A 755 -18.41 8.66 -36.79
C PRO A 755 -19.02 7.84 -35.66
N GLU A 756 -18.15 7.40 -34.75
CA GLU A 756 -18.55 6.58 -33.63
C GLU A 756 -17.84 7.05 -32.37
N PHE A 757 -18.57 7.04 -31.25
CA PHE A 757 -17.98 7.33 -29.95
C PHE A 757 -17.26 6.08 -29.44
N VAL A 758 -16.00 6.26 -29.02
CA VAL A 758 -15.18 5.17 -28.48
C VAL A 758 -14.31 5.73 -27.37
N TYR A 759 -13.83 4.84 -26.51
CA TYR A 759 -12.86 5.19 -25.48
C TYR A 759 -11.45 4.93 -26.01
N TYR A 760 -10.62 5.96 -25.99
CA TYR A 760 -9.20 5.79 -26.30
C TYR A 760 -8.53 4.95 -25.23
N ASN A 761 -7.74 3.96 -25.66
CA ASN A 761 -7.04 3.06 -24.75
C ASN A 761 -5.53 3.20 -24.83
N ALA A 762 -4.97 3.36 -26.02
CA ALA A 762 -3.52 3.42 -26.16
C ALA A 762 -3.17 4.01 -27.52
N PHE A 763 -1.95 4.54 -27.61
CA PHE A 763 -1.37 4.99 -28.85
C PHE A 763 -0.13 4.15 -29.12
N THR A 764 -0.13 3.42 -30.24
CA THR A 764 0.97 2.55 -30.60
C THR A 764 1.95 3.34 -31.46
N SER A 765 3.14 3.60 -30.92
CA SER A 765 4.07 4.50 -31.60
C SER A 765 4.69 3.87 -32.84
N SER A 766 4.85 2.55 -32.86
CA SER A 766 5.49 1.92 -34.00
C SER A 766 4.62 1.96 -35.25
N THR A 767 3.30 1.98 -35.09
CA THR A 767 2.38 2.07 -36.22
C THR A 767 1.57 3.36 -36.24
N VAL A 768 1.82 4.27 -35.30
CA VAL A 768 1.15 5.58 -35.26
C VAL A 768 -0.36 5.38 -35.31
N SER A 769 -0.88 4.54 -34.42
CA SER A 769 -2.27 4.13 -34.49
C SER A 769 -2.85 4.02 -33.09
N LEU A 770 -4.17 3.86 -33.02
CA LEU A 770 -4.91 3.87 -31.77
C LEU A 770 -5.47 2.50 -31.44
N ILE A 771 -5.69 2.28 -30.14
CA ILE A 771 -6.49 1.17 -29.64
C ILE A 771 -7.69 1.79 -28.94
N VAL A 772 -8.90 1.42 -29.37
CA VAL A 772 -10.12 1.98 -28.83
C VAL A 772 -11.08 0.85 -28.49
N SER A 773 -12.03 1.15 -27.60
CA SER A 773 -13.00 0.17 -27.15
C SER A 773 -14.38 0.81 -27.07
N LYS A 774 -15.40 -0.04 -27.18
CA LYS A 774 -16.79 0.40 -27.09
C LYS A 774 -17.19 0.62 -25.63
N HIS A 775 -18.06 1.60 -25.42
CA HIS A 775 -18.32 2.11 -24.07
C HIS A 775 -18.85 1.02 -23.13
N ASP A 776 -19.82 0.24 -23.60
CA ASP A 776 -20.46 -0.77 -22.78
C ASP A 776 -19.86 -2.16 -22.96
N ASN A 777 -18.87 -2.30 -23.85
CA ASN A 777 -18.27 -3.61 -24.17
C ASN A 777 -19.33 -4.63 -24.54
N LYS A 778 -20.43 -4.17 -25.14
CA LYS A 778 -21.56 -5.01 -25.48
C LYS A 778 -21.44 -5.42 -26.95
N PHE A 779 -21.23 -6.72 -27.19
CA PHE A 779 -20.99 -7.22 -28.53
C PHE A 779 -22.28 -7.47 -29.30
N GLU A 780 -23.38 -7.73 -28.59
CA GLU A 780 -24.61 -8.18 -29.25
C GLU A 780 -25.29 -7.05 -30.01
N THR A 781 -25.25 -5.82 -29.49
CA THR A 781 -25.94 -4.69 -30.08
C THR A 781 -25.09 -3.94 -31.11
N LEU A 782 -24.07 -4.59 -31.67
CA LEU A 782 -23.19 -3.93 -32.63
C LEU A 782 -23.94 -3.61 -33.91
N SER A 783 -23.84 -2.37 -34.37
CA SER A 783 -24.51 -1.93 -35.58
C SER A 783 -23.64 -2.23 -36.80
N LYS A 784 -24.15 -1.88 -37.98
CA LYS A 784 -23.39 -2.07 -39.21
C LYS A 784 -22.13 -1.21 -39.21
N ASN A 785 -22.27 0.07 -38.86
CA ASN A 785 -21.12 0.96 -38.86
C ASN A 785 -20.12 0.58 -37.77
N GLN A 786 -20.61 0.09 -36.64
CA GLN A 786 -19.70 -0.29 -35.55
C GLN A 786 -18.97 -1.58 -35.86
N LYS A 787 -19.59 -2.48 -36.63
CA LYS A 787 -18.91 -3.72 -36.98
C LYS A 787 -17.76 -3.47 -37.95
N ILE A 788 -17.83 -2.39 -38.73
CA ILE A 788 -16.70 -2.01 -39.58
C ILE A 788 -15.50 -1.64 -38.74
N LEU A 789 -15.71 -0.83 -37.69
CA LEU A 789 -14.63 -0.43 -36.82
C LEU A 789 -14.15 -1.59 -35.95
N PHE A 790 -15.07 -2.21 -35.22
CA PHE A 790 -14.75 -3.35 -34.34
C PHE A 790 -14.88 -4.67 -35.11
N LYS A 791 -14.11 -4.76 -36.18
CA LYS A 791 -14.22 -5.89 -37.10
C LYS A 791 -13.85 -7.21 -36.44
N ASN A 792 -13.00 -7.18 -35.42
CA ASN A 792 -12.55 -8.38 -34.72
C ASN A 792 -13.13 -8.47 -33.31
N ALA A 793 -14.34 -7.97 -33.12
CA ALA A 793 -14.99 -8.00 -31.82
C ALA A 793 -15.56 -9.39 -31.54
N ASN A 794 -15.74 -9.67 -30.24
CA ASN A 794 -16.33 -10.94 -29.81
C ASN A 794 -17.10 -10.70 -28.52
N GLU A 795 -17.68 -11.78 -27.98
CA GLU A 795 -18.52 -11.67 -26.80
C GLU A 795 -17.74 -11.20 -25.56
N LYS A 796 -16.43 -11.41 -25.52
CA LYS A 796 -15.64 -11.06 -24.35
C LYS A 796 -15.19 -9.61 -24.35
N GLU A 797 -14.74 -9.08 -25.48
CA GLU A 797 -14.26 -7.71 -25.53
C GLU A 797 -14.55 -7.11 -26.90
N VAL A 798 -15.01 -5.85 -26.89
CA VAL A 798 -15.23 -5.09 -28.11
C VAL A 798 -14.12 -4.05 -28.22
N ILE A 799 -12.99 -4.45 -28.81
CA ILE A 799 -11.81 -3.61 -28.92
C ILE A 799 -11.35 -3.57 -30.37
N ALA A 800 -10.98 -2.39 -30.84
CA ALA A 800 -10.42 -2.20 -32.17
C ALA A 800 -8.99 -1.69 -32.04
N LYS A 801 -8.07 -2.33 -32.75
CA LYS A 801 -6.66 -2.03 -32.64
C LYS A 801 -6.12 -1.54 -33.98
N SER A 802 -4.97 -0.86 -33.92
CA SER A 802 -4.20 -0.46 -35.11
C SER A 802 -5.01 0.46 -36.02
N ILE A 803 -5.72 1.41 -35.45
CA ILE A 803 -6.46 2.40 -36.22
C ILE A 803 -5.54 3.58 -36.48
N GLY A 804 -5.08 3.72 -37.72
CA GLY A 804 -4.16 4.80 -38.05
C GLY A 804 -4.83 6.15 -37.90
N ILE A 805 -4.06 7.12 -37.38
CA ILE A 805 -4.62 8.43 -37.12
C ILE A 805 -4.44 9.38 -38.32
N GLN A 806 -3.41 9.17 -39.13
CA GLN A 806 -2.97 10.21 -40.07
C GLN A 806 -4.12 10.67 -40.97
N ASN A 807 -4.86 9.71 -41.53
CA ASN A 807 -5.92 10.02 -42.48
C ASN A 807 -7.31 9.79 -41.91
N LEU A 808 -7.49 10.00 -40.60
CA LEU A 808 -8.80 9.87 -40.00
C LEU A 808 -9.74 10.95 -40.53
N LYS A 809 -10.96 10.55 -40.86
CA LYS A 809 -11.95 11.49 -41.38
C LYS A 809 -12.43 12.42 -40.27
N VAL A 810 -12.77 11.86 -39.11
CA VAL A 810 -13.19 12.64 -37.95
C VAL A 810 -12.33 12.19 -36.77
N PHE A 811 -11.86 13.16 -35.98
CA PHE A 811 -11.05 12.88 -34.79
C PHE A 811 -11.28 14.05 -33.82
N GLU A 812 -12.25 13.88 -32.93
CA GLU A 812 -12.64 14.91 -31.99
C GLU A 812 -12.65 14.35 -30.57
N LYS A 813 -12.47 15.23 -29.60
CA LYS A 813 -12.46 14.85 -28.19
C LYS A 813 -13.78 15.25 -27.54
N TYR A 814 -14.28 14.37 -26.68
CA TYR A 814 -15.48 14.61 -25.91
C TYR A 814 -15.18 14.36 -24.43
N ILE A 815 -16.15 14.67 -23.58
CA ILE A 815 -16.00 14.53 -22.13
C ILE A 815 -17.19 13.75 -21.60
N VAL A 816 -16.95 12.85 -20.66
CA VAL A 816 -17.99 12.03 -20.04
C VAL A 816 -18.13 12.44 -18.59
N SER A 817 -19.35 12.83 -18.21
CA SER A 817 -19.63 13.10 -16.81
C SER A 817 -19.74 11.79 -16.04
N ALA A 818 -19.78 11.91 -14.71
CA ALA A 818 -19.93 10.74 -13.85
C ALA A 818 -21.22 9.99 -14.13
N LEU A 819 -22.24 10.66 -14.67
CA LEU A 819 -23.52 10.05 -14.96
C LEU A 819 -23.63 9.51 -16.38
N GLY A 820 -22.60 9.67 -17.19
CA GLY A 820 -22.62 9.19 -18.56
C GLY A 820 -23.08 10.19 -19.59
N GLU A 821 -23.16 11.48 -19.24
CA GLU A 821 -23.54 12.52 -20.17
C GLU A 821 -22.34 12.92 -21.00
N VAL A 822 -22.50 12.94 -22.33
CA VAL A 822 -21.42 13.19 -23.27
C VAL A 822 -21.48 14.65 -23.70
N THR A 823 -20.33 15.32 -23.69
CA THR A 823 -20.24 16.73 -24.02
C THR A 823 -19.03 16.96 -24.92
N LYS A 824 -19.21 17.77 -25.96
CA LYS A 824 -18.10 18.17 -26.80
C LYS A 824 -17.05 18.89 -25.97
N ALA A 825 -15.78 18.54 -26.19
CA ALA A 825 -14.69 19.13 -25.44
C ALA A 825 -14.31 20.46 -26.07
N GLU A 826 -14.60 21.55 -25.36
CA GLU A 826 -14.14 22.87 -25.80
C GLU A 826 -12.62 22.90 -25.91
N PHE A 827 -12.12 23.78 -26.76
CA PHE A 827 -10.68 23.88 -26.95
C PHE A 827 -10.00 24.37 -25.69
N ARG A 828 -8.95 23.69 -25.28
CA ARG A 828 -8.07 24.11 -24.20
C ARG A 828 -6.64 24.09 -24.72
N GLN A 829 -5.87 25.10 -24.35
CA GLN A 829 -4.51 25.19 -24.85
C GLN A 829 -3.67 24.03 -24.32
N ARG A 830 -2.54 23.79 -24.98
CA ARG A 830 -1.66 22.70 -24.60
C ARG A 830 -1.12 22.93 -23.19
N GLU A 831 -1.28 21.95 -22.32
CA GLU A 831 -0.80 22.07 -20.95
C GLU A 831 0.69 21.73 -20.88
N ASP A 832 1.46 22.63 -20.30
CA ASP A 832 2.92 22.53 -20.28
C ASP A 832 3.40 21.93 -18.96
N PHE A 833 4.70 21.72 -18.87
CA PHE A 833 5.37 21.32 -17.64
C PHE A 833 6.16 22.51 -17.11
N LYS A 834 6.15 22.68 -15.79
CA LYS A 834 6.69 23.91 -15.17
C LYS A 834 7.91 23.55 -14.32
N LYS A 835 9.11 23.72 -14.90
CA LYS A 835 10.37 23.66 -14.17
C LYS A 835 11.53 24.02 -15.10
C1 EDO E . 15.30 -4.56 -1.89
O1 EDO E . 15.63 -4.60 -0.49
C2 EDO E . 16.54 -4.22 -2.70
O2 EDO E . 17.58 -5.14 -2.33
#